data_6DLX
#
_entry.id   6DLX
#
_cell.length_a   34.451
_cell.length_b   76.020
_cell.length_c   107.882
_cell.angle_alpha   90.00
_cell.angle_beta   90.41
_cell.angle_gamma   90.00
#
_symmetry.space_group_name_H-M   'P 1 21 1'
#
loop_
_entity.id
_entity.type
_entity.pdbx_description
1 polymer 'Signal recognition particle receptor FtsY'
2 non-polymer 4-bromo-2,5-dimethoxyaniline
3 non-polymer 'AMMONIUM ION'
4 non-polymer DI(HYDROXYETHYL)ETHER
5 water water
#
_entity_poly.entity_id   1
_entity_poly.type   'polypeptide(L)'
_entity_poly.pdbx_seq_one_letter_code
;GFARLKRSLLKTKENLGSGFISLFRGKKIDDDLFEELEEQLLIADVGVETTRKIITNLTEGASRKQLRDAEALYGLLKEE
MGEILAKVDEPLNVEGKAPFVILMVGVNGVGKTTTIGKLARQFEQQGKSVMLAAGDTFRAAAVEQLQVWGQRNNIPVIAQ
HTGADSASVIFDAIQAAKARNIDVLIADTAGRLQNKSHLMEELKKIVRVMKKLDVEAPHEVMLTIDASTGQNAVSQAKLF
HEAVGLTGITLTKLDGTAKGGVIFSVADQFGIPIRYIGVGERIEDLRPFKADDFIEALFARED
;
_entity_poly.pdbx_strand_id   A,B
#
loop_
_chem_comp.id
_chem_comp.type
_chem_comp.name
_chem_comp.formula
GXY non-polymer 4-bromo-2,5-dimethoxyaniline 'C8 H10 Br N O2'
NH4 non-polymer 'AMMONIUM ION' 'H4 N 1'
PEG non-polymer DI(HYDROXYETHYL)ETHER 'C4 H10 O3'
#
# COMPACT_ATOMS: atom_id res chain seq x y z
N GLY A 1 16.84 2.08 4.44
CA GLY A 1 16.07 1.42 3.41
C GLY A 1 15.12 0.37 3.97
N PHE A 2 14.53 -0.43 3.07
CA PHE A 2 13.60 -1.46 3.49
C PHE A 2 14.30 -2.53 4.33
N ALA A 3 15.50 -2.95 3.91
CA ALA A 3 16.22 -3.98 4.64
C ALA A 3 16.45 -3.57 6.08
N ARG A 4 16.93 -2.35 6.29
CA ARG A 4 17.18 -1.86 7.65
C ARG A 4 15.89 -1.86 8.45
N LEU A 5 14.77 -1.52 7.81
CA LEU A 5 13.49 -1.56 8.49
C LEU A 5 13.15 -2.96 8.98
N LYS A 6 13.26 -3.95 8.09
CA LYS A 6 13.00 -5.34 8.52
C LYS A 6 13.89 -5.71 9.70
N ARG A 7 15.19 -5.40 9.61
CA ARG A 7 16.09 -5.73 10.70
C ARG A 7 15.66 -5.03 11.99
N SER A 8 15.22 -3.79 11.90
CA SER A 8 14.73 -3.07 13.08
C SER A 8 13.51 -3.76 13.67
N LEU A 9 12.67 -4.36 12.82
CA LEU A 9 11.43 -4.98 13.29
C LEU A 9 11.58 -6.48 13.56
N LEU A 10 12.80 -7.02 13.54
CA LEU A 10 12.98 -8.44 13.80
C LEU A 10 12.36 -8.88 15.12
N LYS A 11 12.66 -8.19 16.21
CA LYS A 11 12.18 -8.64 17.52
C LYS A 11 10.65 -8.65 17.58
N THR A 12 9.98 -7.72 16.90
CA THR A 12 8.53 -7.76 16.81
C THR A 12 8.04 -8.83 15.85
N LYS A 13 8.86 -9.18 14.84
CA LYS A 13 8.52 -10.24 13.90
C LYS A 13 8.54 -11.61 14.55
N GLU A 14 9.00 -11.72 15.79
CA GLU A 14 8.92 -12.98 16.51
C GLU A 14 7.47 -13.45 16.63
N ASN A 15 6.55 -12.53 16.91
CA ASN A 15 5.16 -12.87 17.15
C ASN A 15 4.21 -12.40 16.06
N LEU A 16 4.51 -11.30 15.40
CA LEU A 16 3.61 -10.71 14.41
C LEU A 16 4.22 -10.82 13.02
N GLY A 17 3.37 -10.63 12.01
CA GLY A 17 3.81 -10.70 10.64
C GLY A 17 4.32 -12.09 10.32
N SER A 18 5.59 -12.18 9.94
CA SER A 18 6.19 -13.48 9.66
C SER A 18 6.12 -14.42 10.85
N GLY A 19 6.00 -13.88 12.06
CA GLY A 19 5.85 -14.70 13.24
C GLY A 19 4.62 -15.57 13.23
N PHE A 20 3.64 -15.25 12.38
CA PHE A 20 2.47 -16.09 12.22
C PHE A 20 2.76 -17.38 11.49
N ILE A 21 3.83 -17.42 10.69
CA ILE A 21 4.07 -18.55 9.80
C ILE A 21 4.12 -19.85 10.60
N SER A 22 5.04 -19.93 11.57
CA SER A 22 5.17 -21.15 12.36
C SER A 22 3.87 -21.52 13.05
N LEU A 23 3.00 -20.53 13.31
CA LEU A 23 1.74 -20.81 13.99
C LEU A 23 0.72 -21.45 13.06
N PHE A 24 0.83 -21.21 11.75
CA PHE A 24 -0.14 -21.71 10.77
C PHE A 24 0.34 -22.98 10.07
N ARG A 25 1.62 -23.31 10.17
CA ARG A 25 2.17 -24.40 9.38
C ARG A 25 1.52 -25.73 9.79
N GLY A 26 0.98 -26.43 8.81
CA GLY A 26 0.41 -27.75 9.06
C GLY A 26 -0.64 -27.77 10.14
N LYS A 27 -1.53 -26.78 10.16
CA LYS A 27 -2.62 -26.72 11.12
C LYS A 27 -3.96 -26.66 10.40
N LYS A 28 -5.00 -27.03 11.13
CA LYS A 28 -6.36 -27.00 10.61
C LYS A 28 -7.09 -25.77 11.13
N ILE A 29 -7.89 -25.15 10.27
CA ILE A 29 -8.62 -23.95 10.61
C ILE A 29 -9.76 -24.32 11.54
N ASP A 30 -9.57 -24.10 12.84
CA ASP A 30 -10.59 -24.42 13.83
C ASP A 30 -10.46 -23.43 14.99
N ASP A 31 -11.31 -23.61 16.00
CA ASP A 31 -11.34 -22.68 17.13
C ASP A 31 -10.04 -22.71 17.91
N ASP A 32 -9.41 -23.87 18.03
CA ASP A 32 -8.12 -23.95 18.70
C ASP A 32 -7.12 -23.00 18.07
N LEU A 33 -7.04 -23.01 16.74
CA LEU A 33 -6.08 -22.17 16.04
C LEU A 33 -6.38 -20.69 16.26
N PHE A 34 -7.64 -20.30 16.11
CA PHE A 34 -8.02 -18.91 16.33
C PHE A 34 -7.77 -18.48 17.77
N GLU A 35 -7.85 -19.41 18.72
CA GLU A 35 -7.53 -19.11 20.10
C GLU A 35 -6.03 -18.85 20.26
N GLU A 36 -5.21 -19.73 19.69
CA GLU A 36 -3.77 -19.52 19.75
C GLU A 36 -3.38 -18.19 19.10
N LEU A 37 -4.04 -17.84 17.99
CA LEU A 37 -3.73 -16.61 17.29
C LEU A 37 -4.17 -15.39 18.09
N GLU A 38 -5.39 -15.42 18.62
CA GLU A 38 -5.85 -14.35 19.50
C GLU A 38 -4.87 -14.14 20.65
N GLU A 39 -4.44 -15.23 21.28
CA GLU A 39 -3.49 -15.12 22.38
C GLU A 39 -2.19 -14.49 21.92
N GLN A 40 -1.66 -14.91 20.77
CA GLN A 40 -0.40 -14.36 20.29
C GLN A 40 -0.54 -12.87 19.97
N LEU A 41 -1.70 -12.46 19.45
CA LEU A 41 -1.95 -11.04 19.19
C LEU A 41 -2.00 -10.24 20.49
N LEU A 42 -2.69 -10.76 21.50
CA LEU A 42 -2.77 -10.05 22.77
C LEU A 42 -1.40 -9.93 23.42
N ILE A 43 -0.60 -11.00 23.37
CA ILE A 43 0.74 -10.97 23.94
C ILE A 43 1.58 -9.88 23.29
N ALA A 44 1.38 -9.65 21.99
CA ALA A 44 2.11 -8.62 21.26
C ALA A 44 1.58 -7.22 21.51
N ASP A 45 0.65 -7.06 22.45
CA ASP A 45 0.06 -5.76 22.80
C ASP A 45 -0.77 -5.17 21.66
N VAL A 46 -1.42 -6.03 20.88
CA VAL A 46 -2.33 -5.54 19.84
C VAL A 46 -3.61 -4.99 20.44
N GLY A 47 -3.94 -5.38 21.66
CA GLY A 47 -5.13 -4.88 22.32
C GLY A 47 -6.29 -5.84 22.23
N VAL A 48 -7.15 -5.81 23.25
CA VAL A 48 -8.27 -6.75 23.32
C VAL A 48 -9.26 -6.48 22.19
N GLU A 49 -9.71 -5.23 22.05
CA GLU A 49 -10.77 -4.93 21.09
C GLU A 49 -10.26 -5.05 19.66
N THR A 50 -9.06 -4.54 19.39
CA THR A 50 -8.48 -4.66 18.06
C THR A 50 -8.25 -6.12 17.70
N THR A 51 -7.72 -6.90 18.63
CA THR A 51 -7.54 -8.33 18.39
C THR A 51 -8.86 -9.01 18.09
N ARG A 52 -9.92 -8.65 18.83
CA ARG A 52 -11.23 -9.20 18.53
C ARG A 52 -11.66 -8.87 17.11
N LYS A 53 -11.45 -7.62 16.69
CA LYS A 53 -11.79 -7.23 15.33
C LYS A 53 -11.05 -8.09 14.31
N ILE A 54 -9.73 -8.22 14.48
CA ILE A 54 -8.94 -8.99 13.53
C ILE A 54 -9.42 -10.44 13.49
N ILE A 55 -9.61 -11.06 14.66
CA ILE A 55 -10.01 -12.47 14.69
C ILE A 55 -11.36 -12.65 14.02
N THR A 56 -12.30 -11.74 14.27
CA THR A 56 -13.63 -11.86 13.67
C THR A 56 -13.56 -11.74 12.16
N ASN A 57 -12.93 -10.67 11.66
CA ASN A 57 -12.81 -10.49 10.22
C ASN A 57 -12.11 -11.67 9.56
N LEU A 58 -11.03 -12.15 10.17
CA LEU A 58 -10.32 -13.31 9.64
C LEU A 58 -11.23 -14.52 9.55
N THR A 59 -11.97 -14.81 10.63
CA THR A 59 -12.85 -15.97 10.61
C THR A 59 -13.90 -15.85 9.52
N GLU A 60 -14.57 -14.70 9.44
CA GLU A 60 -15.65 -14.56 8.46
C GLU A 60 -15.11 -14.66 7.04
N GLY A 61 -13.95 -14.05 6.79
CA GLY A 61 -13.35 -14.16 5.47
C GLY A 61 -12.95 -15.59 5.15
N ALA A 62 -12.45 -16.32 6.15
CA ALA A 62 -12.10 -17.71 5.95
C ALA A 62 -13.31 -18.52 5.51
N SER A 63 -14.40 -18.45 6.28
CA SER A 63 -15.60 -19.20 5.90
C SER A 63 -16.14 -18.75 4.55
N ARG A 64 -16.11 -17.45 4.29
CA ARG A 64 -16.63 -16.93 3.02
C ARG A 64 -15.81 -17.45 1.85
N LYS A 65 -14.49 -17.46 1.98
CA LYS A 65 -13.60 -17.94 0.93
C LYS A 65 -13.34 -19.44 1.01
N GLN A 66 -14.00 -20.14 1.94
CA GLN A 66 -13.84 -21.58 2.15
C GLN A 66 -12.38 -22.00 2.00
N LEU A 67 -11.51 -21.32 2.74
CA LEU A 67 -10.11 -21.70 2.79
C LEU A 67 -9.93 -23.08 3.40
N ARG A 68 -9.00 -23.86 2.83
CA ARG A 68 -8.74 -25.22 3.28
C ARG A 68 -7.62 -25.28 4.31
N ASP A 69 -6.47 -24.70 3.98
CA ASP A 69 -5.27 -24.78 4.80
C ASP A 69 -5.09 -23.53 5.65
N ALA A 70 -4.45 -23.70 6.80
CA ALA A 70 -4.22 -22.58 7.71
C ALA A 70 -3.18 -21.61 7.15
N GLU A 71 -2.26 -22.09 6.31
CA GLU A 71 -1.27 -21.20 5.72
C GLU A 71 -1.95 -20.05 4.99
N ALA A 72 -3.07 -20.34 4.31
CA ALA A 72 -3.78 -19.33 3.55
C ALA A 72 -4.34 -18.21 4.41
N LEU A 73 -4.37 -18.38 5.73
CA LEU A 73 -4.80 -17.29 6.59
C LEU A 73 -3.79 -16.15 6.57
N TYR A 74 -2.51 -16.46 6.40
CA TYR A 74 -1.47 -15.44 6.45
C TYR A 74 -1.85 -14.23 5.62
N GLY A 75 -2.10 -14.44 4.33
CA GLY A 75 -2.44 -13.32 3.46
C GLY A 75 -3.58 -12.49 4.01
N LEU A 76 -4.68 -13.15 4.40
CA LEU A 76 -5.82 -12.40 4.93
C LEU A 76 -5.38 -11.53 6.10
N LEU A 77 -4.61 -12.10 7.02
CA LEU A 77 -4.11 -11.31 8.13
C LEU A 77 -3.35 -10.09 7.61
N LYS A 78 -2.41 -10.32 6.69
CA LYS A 78 -1.63 -9.23 6.14
C LYS A 78 -2.54 -8.14 5.60
N GLU A 79 -3.67 -8.52 5.00
CA GLU A 79 -4.63 -7.52 4.54
C GLU A 79 -5.31 -6.86 5.72
N GLU A 80 -5.92 -7.66 6.60
CA GLU A 80 -6.68 -7.11 7.71
C GLU A 80 -5.86 -6.09 8.47
N MET A 81 -4.75 -6.52 9.04
CA MET A 81 -3.91 -5.61 9.81
C MET A 81 -3.47 -4.44 8.95
N GLY A 82 -3.14 -4.70 7.69
CA GLY A 82 -2.75 -3.61 6.81
C GLY A 82 -3.83 -2.55 6.72
N GLU A 83 -5.09 -2.98 6.52
CA GLU A 83 -6.18 -2.03 6.46
C GLU A 83 -6.17 -1.14 7.69
N ILE A 84 -5.98 -1.74 8.87
CA ILE A 84 -5.96 -0.96 10.11
C ILE A 84 -4.97 0.17 9.99
N LEU A 85 -3.75 -0.14 9.56
CA LEU A 85 -2.73 0.92 9.43
C LEU A 85 -3.05 1.85 8.27
N ALA A 86 -3.65 1.34 7.20
CA ALA A 86 -3.92 2.18 6.04
C ALA A 86 -4.81 3.36 6.40
N LYS A 87 -5.68 3.20 7.39
CA LYS A 87 -6.61 4.24 7.78
C LYS A 87 -5.96 5.36 8.58
N VAL A 88 -4.68 5.22 8.94
CA VAL A 88 -3.99 6.27 9.69
C VAL A 88 -2.67 6.63 9.01
N ASP A 89 -2.62 6.48 7.69
CA ASP A 89 -1.42 6.78 6.92
C ASP A 89 -1.62 8.07 6.14
N GLU A 90 -1.75 9.17 6.89
CA GLU A 90 -1.76 10.50 6.29
C GLU A 90 -0.49 11.20 6.74
N PRO A 91 0.50 11.40 5.88
CA PRO A 91 1.75 12.00 6.33
C PRO A 91 1.58 13.45 6.71
N LEU A 92 2.53 13.95 7.49
CA LEU A 92 2.49 15.34 7.93
C LEU A 92 3.10 16.23 6.86
N ASN A 93 2.36 17.26 6.45
CA ASN A 93 2.82 18.25 5.49
C ASN A 93 2.91 19.58 6.21
N VAL A 94 4.13 20.09 6.39
CA VAL A 94 4.37 21.30 7.16
C VAL A 94 4.67 22.49 6.24
N GLU A 95 4.34 22.38 4.95
CA GLU A 95 4.68 23.43 4.00
C GLU A 95 3.61 24.52 4.00
N GLY A 96 4.02 25.70 3.54
CA GLY A 96 3.08 26.77 3.23
C GLY A 96 2.53 27.54 4.41
N LYS A 97 3.23 27.53 5.54
CA LYS A 97 2.82 28.29 6.71
C LYS A 97 4.03 29.05 7.26
N ALA A 98 3.75 30.15 7.95
CA ALA A 98 4.77 31.07 8.45
C ALA A 98 4.45 31.46 9.87
N PRO A 99 4.73 30.59 10.85
CA PRO A 99 5.23 29.22 10.74
C PRO A 99 4.14 28.16 10.81
N PHE A 100 4.45 26.95 10.35
CA PHE A 100 3.62 25.79 10.67
C PHE A 100 3.89 25.40 12.12
N VAL A 101 2.83 25.36 12.93
CA VAL A 101 2.97 25.20 14.38
C VAL A 101 2.66 23.75 14.75
N ILE A 102 3.66 23.07 15.30
CA ILE A 102 3.51 21.73 15.84
C ILE A 102 3.54 21.83 17.35
N LEU A 103 2.43 21.51 17.99
CA LEU A 103 2.34 21.44 19.45
C LEU A 103 2.65 19.99 19.86
N MET A 104 3.78 19.80 20.52
CA MET A 104 4.27 18.47 20.88
C MET A 104 3.77 18.14 22.28
N VAL A 105 2.89 17.14 22.38
CA VAL A 105 2.32 16.70 23.64
C VAL A 105 2.74 15.26 23.90
N GLY A 106 2.65 14.88 25.17
CA GLY A 106 3.07 13.57 25.61
C GLY A 106 3.72 13.63 26.98
N VAL A 107 3.92 12.48 27.60
CA VAL A 107 4.54 12.40 28.92
C VAL A 107 6.05 12.53 28.76
N ASN A 108 6.76 12.62 29.88
CA ASN A 108 8.21 12.67 29.84
C ASN A 108 8.78 11.26 29.79
N GLY A 109 9.99 11.15 29.25
CA GLY A 109 10.67 9.87 29.19
C GLY A 109 10.19 8.93 28.11
N VAL A 110 9.57 9.45 27.05
CA VAL A 110 9.10 8.63 25.93
C VAL A 110 9.72 9.06 24.61
N GLY A 111 10.76 9.88 24.65
CA GLY A 111 11.39 10.36 23.44
C GLY A 111 10.79 11.61 22.85
N LYS A 112 9.96 12.33 23.61
CA LYS A 112 9.32 13.53 23.08
C LYS A 112 10.36 14.55 22.63
N THR A 113 11.27 14.92 23.52
CA THR A 113 12.29 15.90 23.18
C THR A 113 13.21 15.36 22.09
N THR A 114 13.54 14.06 22.15
CA THR A 114 14.31 13.44 21.08
C THR A 114 13.59 13.59 19.74
N THR A 115 12.27 13.35 19.72
CA THR A 115 11.50 13.52 18.50
C THR A 115 11.53 14.97 18.03
N ILE A 116 11.45 15.92 18.97
CA ILE A 116 11.55 17.33 18.63
C ILE A 116 12.86 17.59 17.88
N GLY A 117 13.98 17.14 18.44
CA GLY A 117 15.26 17.39 17.81
C GLY A 117 15.37 16.73 16.45
N LYS A 118 14.93 15.47 16.34
CA LYS A 118 15.03 14.77 15.06
C LYS A 118 14.18 15.46 14.00
N LEU A 119 12.93 15.79 14.33
CA LEU A 119 12.07 16.48 13.37
C LEU A 119 12.66 17.83 12.97
N ALA A 120 13.22 18.56 13.93
CA ALA A 120 13.86 19.83 13.60
C ALA A 120 14.98 19.63 12.60
N ARG A 121 15.86 18.67 12.86
CA ARG A 121 16.99 18.43 11.97
C ARG A 121 16.52 18.00 10.58
N GLN A 122 15.48 17.16 10.51
CA GLN A 122 14.95 16.74 9.22
C GLN A 122 14.37 17.91 8.45
N PHE A 123 13.47 18.68 9.08
CA PHE A 123 12.89 19.84 8.41
C PHE A 123 13.98 20.79 7.91
N GLU A 124 15.01 21.00 8.72
CA GLU A 124 16.10 21.87 8.29
C GLU A 124 16.84 21.27 7.10
N GLN A 125 17.01 19.94 7.10
CA GLN A 125 17.63 19.29 5.96
C GLN A 125 16.79 19.42 4.70
N GLN A 126 15.48 19.58 4.86
CA GLN A 126 14.58 19.77 3.72
C GLN A 126 14.56 21.21 3.22
N GLY A 127 15.39 22.09 3.79
CA GLY A 127 15.44 23.47 3.34
C GLY A 127 14.51 24.41 4.06
N LYS A 128 14.00 24.02 5.22
CA LYS A 128 13.07 24.83 5.98
C LYS A 128 13.76 25.42 7.20
N SER A 129 13.26 26.56 7.65
CA SER A 129 13.76 27.21 8.87
C SER A 129 12.92 26.76 10.06
N VAL A 130 13.58 26.36 11.13
CA VAL A 130 12.92 25.78 12.29
C VAL A 130 13.20 26.64 13.52
N MET A 131 12.20 26.74 14.39
CA MET A 131 12.35 27.36 15.70
C MET A 131 11.70 26.45 16.74
N LEU A 132 12.24 26.48 17.95
CA LEU A 132 11.72 25.66 19.05
C LEU A 132 11.24 26.57 20.18
N ALA A 133 10.23 26.07 20.91
CA ALA A 133 9.70 26.75 22.07
C ALA A 133 9.78 25.82 23.27
N ALA A 134 10.53 26.21 24.30
CA ALA A 134 10.70 25.41 25.50
C ALA A 134 9.51 25.64 26.44
N GLY A 135 8.38 25.05 26.07
CA GLY A 135 7.15 25.20 26.83
C GLY A 135 7.05 24.35 28.08
N ASP A 136 8.00 23.44 28.31
CA ASP A 136 8.06 22.68 29.56
C ASP A 136 8.80 23.54 30.58
N THR A 137 8.09 24.54 31.09
CA THR A 137 8.72 25.66 31.78
C THR A 137 9.13 25.33 33.22
N PHE A 138 8.54 24.30 33.83
CA PHE A 138 8.81 24.02 35.23
C PHE A 138 9.93 23.02 35.45
N ARG A 139 10.50 22.43 34.40
CA ARG A 139 11.62 21.51 34.53
C ARG A 139 12.85 22.22 33.98
N ALA A 140 13.59 22.87 34.87
CA ALA A 140 14.76 23.65 34.44
C ALA A 140 15.75 22.79 33.70
N ALA A 141 15.90 21.53 34.11
CA ALA A 141 16.82 20.62 33.43
C ALA A 141 16.39 20.40 31.98
N ALA A 142 15.09 20.17 31.75
CA ALA A 142 14.60 19.96 30.40
C ALA A 142 14.81 21.19 29.54
N VAL A 143 14.46 22.37 30.05
CA VAL A 143 14.62 23.60 29.28
C VAL A 143 16.09 23.82 28.94
N GLU A 144 16.96 23.71 29.96
CA GLU A 144 18.39 23.92 29.74
C GLU A 144 18.94 22.92 28.71
N GLN A 145 18.47 21.67 28.77
CA GLN A 145 18.88 20.65 27.81
C GLN A 145 18.47 21.04 26.40
N LEU A 146 17.21 21.45 26.24
CA LEU A 146 16.72 21.87 24.93
C LEU A 146 17.53 23.06 24.40
N GLN A 147 17.89 23.99 25.29
CA GLN A 147 18.64 25.16 24.87
C GLN A 147 20.05 24.80 24.42
N VAL A 148 20.73 23.95 25.19
CA VAL A 148 22.08 23.54 24.80
C VAL A 148 22.04 22.77 23.49
N TRP A 149 20.98 21.98 23.27
CA TRP A 149 20.85 21.30 21.98
C TRP A 149 20.67 22.30 20.85
N GLY A 150 19.76 23.25 21.02
CA GLY A 150 19.52 24.24 19.98
C GLY A 150 20.77 25.03 19.64
N GLN A 151 21.53 25.43 20.66
CA GLN A 151 22.77 26.15 20.42
C GLN A 151 23.84 25.25 19.80
N ARG A 152 23.83 23.96 20.14
CA ARG A 152 24.79 23.05 19.52
C ARG A 152 24.47 22.87 18.04
N ASN A 153 23.19 22.95 17.67
CA ASN A 153 22.75 22.76 16.29
C ASN A 153 22.35 24.05 15.61
N ASN A 154 22.60 25.20 16.24
CA ASN A 154 22.30 26.51 15.66
C ASN A 154 20.83 26.62 15.25
N ILE A 155 19.94 26.29 16.19
CA ILE A 155 18.51 26.46 16.01
C ILE A 155 17.97 27.28 17.18
N PRO A 156 17.22 28.36 16.94
CA PRO A 156 16.80 29.20 18.06
C PRO A 156 15.80 28.50 18.97
N VAL A 157 15.96 28.74 20.27
CA VAL A 157 15.09 28.14 21.29
C VAL A 157 14.56 29.27 22.17
N ILE A 158 13.25 29.44 22.18
CA ILE A 158 12.61 30.46 23.00
C ILE A 158 12.33 29.87 24.37
N ALA A 159 12.76 30.56 25.42
CA ALA A 159 12.59 30.08 26.78
C ALA A 159 12.44 31.27 27.72
N GLN A 160 11.91 30.99 28.90
CA GLN A 160 11.80 31.97 29.97
C GLN A 160 12.28 31.33 31.27
N HIS A 161 12.26 32.13 32.34
CA HIS A 161 12.74 31.65 33.63
C HIS A 161 11.96 30.41 34.07
N THR A 162 12.60 29.59 34.90
CA THR A 162 11.95 28.43 35.47
C THR A 162 10.65 28.84 36.15
N GLY A 163 9.55 28.18 35.76
CA GLY A 163 8.24 28.50 36.30
C GLY A 163 7.45 29.51 35.50
N ALA A 164 7.97 29.95 34.35
CA ALA A 164 7.23 30.86 33.50
C ALA A 164 5.94 30.18 33.01
N ASP A 165 5.04 31.00 32.47
CA ASP A 165 3.79 30.50 31.91
C ASP A 165 4.08 29.91 30.54
N SER A 166 3.84 28.60 30.39
CA SER A 166 4.14 27.93 29.13
C SER A 166 3.43 28.61 27.97
N ALA A 167 2.15 28.93 28.14
CA ALA A 167 1.40 29.59 27.09
C ALA A 167 2.03 30.92 26.71
N SER A 168 2.63 31.63 27.67
CA SER A 168 3.34 32.86 27.36
C SER A 168 4.61 32.58 26.56
N VAL A 169 5.38 31.56 26.96
CA VAL A 169 6.60 31.21 26.22
C VAL A 169 6.25 30.89 24.78
N ILE A 170 5.21 30.08 24.57
CA ILE A 170 4.85 29.67 23.21
C ILE A 170 4.27 30.85 22.44
N PHE A 171 3.52 31.73 23.12
CA PHE A 171 3.06 32.96 22.49
C PHE A 171 4.23 33.77 21.95
N ASP A 172 5.22 34.06 22.80
CA ASP A 172 6.39 34.79 22.36
C ASP A 172 7.11 34.06 21.23
N ALA A 173 7.10 32.72 21.27
CA ALA A 173 7.77 31.95 20.23
C ALA A 173 7.06 32.07 18.89
N ILE A 174 5.72 32.09 18.89
CA ILE A 174 4.99 32.28 17.65
C ILE A 174 5.19 33.70 17.12
N GLN A 175 5.11 34.70 18.00
CA GLN A 175 5.36 36.07 17.57
C GLN A 175 6.72 36.20 16.90
N ALA A 176 7.77 35.72 17.59
CA ALA A 176 9.11 35.81 17.04
C ALA A 176 9.27 34.98 15.77
N ALA A 177 8.55 33.86 15.67
CA ALA A 177 8.65 33.02 14.48
C ALA A 177 8.02 33.69 13.29
N LYS A 178 6.85 34.32 13.48
CA LYS A 178 6.25 35.09 12.39
C LYS A 178 7.14 36.27 12.00
N ALA A 179 7.80 36.88 12.98
CA ALA A 179 8.64 38.04 12.68
C ALA A 179 9.89 37.66 11.89
N ARG A 180 10.38 36.43 12.04
CA ARG A 180 11.63 36.02 11.42
C ARG A 180 11.43 35.10 10.22
N ASN A 181 10.21 35.00 9.70
CA ASN A 181 9.94 34.20 8.50
C ASN A 181 10.25 32.73 8.72
N ILE A 182 9.99 32.24 9.95
CA ILE A 182 10.24 30.84 10.25
C ILE A 182 9.19 29.96 9.60
N ASP A 183 9.63 28.84 9.04
CA ASP A 183 8.71 27.92 8.36
C ASP A 183 8.01 27.00 9.34
N VAL A 184 8.72 26.46 10.32
CA VAL A 184 8.17 25.48 11.25
C VAL A 184 8.57 25.87 12.67
N LEU A 185 7.57 25.93 13.56
CA LEU A 185 7.78 26.14 14.98
C LEU A 185 7.32 24.88 15.72
N ILE A 186 8.24 24.29 16.48
CA ILE A 186 7.94 23.10 17.29
C ILE A 186 7.94 23.53 18.75
N ALA A 187 6.80 23.34 19.41
CA ALA A 187 6.59 23.78 20.78
C ALA A 187 6.52 22.59 21.71
N ASP A 188 7.48 22.48 22.62
CA ASP A 188 7.45 21.48 23.68
C ASP A 188 6.46 21.90 24.77
N THR A 189 5.97 20.92 25.51
CA THR A 189 5.02 21.17 26.58
C THR A 189 5.31 20.25 27.77
N ALA A 190 4.66 20.54 28.89
CA ALA A 190 4.87 19.76 30.10
C ALA A 190 4.30 18.35 29.95
N GLY A 191 5.04 17.36 30.47
CA GLY A 191 4.64 15.97 30.36
C GLY A 191 4.41 15.27 31.69
N ARG A 192 4.10 16.05 32.73
CA ARG A 192 3.81 15.48 34.04
C ARG A 192 2.50 14.71 34.01
N LEU A 193 2.47 13.56 34.69
CA LEU A 193 1.26 12.75 34.74
C LEU A 193 0.39 13.07 35.95
N GLN A 194 1.01 13.35 37.10
CA GLN A 194 0.25 13.67 38.31
C GLN A 194 -0.76 14.77 38.03
N ASN A 195 -2.00 14.56 38.48
CA ASN A 195 -3.05 15.54 38.27
C ASN A 195 -3.21 15.88 36.80
N LYS A 196 -3.88 15.01 36.01
CA LYS A 196 -4.04 15.30 34.60
C LYS A 196 -4.72 16.65 34.40
N SER A 197 -5.75 16.94 35.19
CA SER A 197 -6.59 18.10 34.95
C SER A 197 -5.75 19.36 34.75
N HIS A 198 -4.76 19.56 35.61
CA HIS A 198 -3.91 20.75 35.49
C HIS A 198 -3.26 20.82 34.12
N LEU A 199 -2.59 19.73 33.71
CA LEU A 199 -1.89 19.72 32.42
C LEU A 199 -2.85 19.89 31.26
N MET A 200 -4.00 19.19 31.28
CA MET A 200 -4.94 19.29 30.17
C MET A 200 -5.47 20.72 30.04
N GLU A 201 -6.01 21.27 31.13
CA GLU A 201 -6.44 22.65 31.13
C GLU A 201 -5.32 23.56 30.64
N GLU A 202 -4.07 23.22 30.99
CA GLU A 202 -2.93 24.00 30.55
C GLU A 202 -2.78 23.94 29.03
N LEU A 203 -3.03 22.77 28.43
CA LEU A 203 -2.96 22.67 26.97
C LEU A 203 -4.06 23.47 26.31
N LYS A 204 -5.29 23.41 26.82
CA LYS A 204 -6.35 24.23 26.25
C LYS A 204 -6.01 25.70 26.37
N LYS A 205 -5.38 26.10 27.47
CA LYS A 205 -4.92 27.48 27.59
C LYS A 205 -3.87 27.82 26.54
N ILE A 206 -2.91 26.91 26.33
CA ILE A 206 -1.88 27.14 25.32
C ILE A 206 -2.51 27.35 23.95
N VAL A 207 -3.52 26.54 23.62
CA VAL A 207 -4.17 26.67 22.31
C VAL A 207 -4.89 28.01 22.23
N ARG A 208 -5.69 28.33 23.25
CA ARG A 208 -6.43 29.59 23.23
C ARG A 208 -5.51 30.79 23.05
N VAL A 209 -4.35 30.75 23.73
CA VAL A 209 -3.38 31.84 23.57
C VAL A 209 -2.74 31.80 22.19
N MET A 210 -2.54 30.60 21.62
CA MET A 210 -2.00 30.49 20.27
C MET A 210 -2.90 31.20 19.27
N LYS A 211 -4.21 30.99 19.39
CA LYS A 211 -5.13 31.53 18.39
C LYS A 211 -5.24 33.05 18.44
N LYS A 212 -4.63 33.71 19.42
CA LYS A 212 -4.60 35.17 19.42
C LYS A 212 -3.71 35.70 18.30
N LEU A 213 -2.62 34.99 17.99
CA LEU A 213 -1.70 35.40 16.94
C LEU A 213 -1.97 34.71 15.61
N ASP A 214 -2.50 33.49 15.63
CA ASP A 214 -2.81 32.76 14.41
C ASP A 214 -3.94 31.79 14.74
N VAL A 215 -5.12 32.04 14.17
CA VAL A 215 -6.28 31.22 14.48
C VAL A 215 -6.13 29.79 13.97
N GLU A 216 -5.26 29.56 12.99
CA GLU A 216 -5.00 28.22 12.51
C GLU A 216 -4.06 27.43 13.42
N ALA A 217 -3.32 28.11 14.29
CA ALA A 217 -2.38 27.41 15.15
C ALA A 217 -3.11 26.84 16.36
N PRO A 218 -2.71 25.65 16.84
CA PRO A 218 -1.64 24.80 16.28
C PRO A 218 -2.07 24.07 15.02
N HIS A 219 -1.20 24.07 14.01
CA HIS A 219 -1.53 23.37 12.77
C HIS A 219 -1.45 21.86 12.94
N GLU A 220 -0.59 21.39 13.84
CA GLU A 220 -0.47 19.96 14.13
C GLU A 220 -0.37 19.77 15.63
N VAL A 221 -1.22 18.92 16.19
CA VAL A 221 -1.10 18.47 17.56
C VAL A 221 -0.53 17.06 17.53
N MET A 222 0.74 16.93 17.93
CA MET A 222 1.49 15.69 17.78
C MET A 222 1.69 15.06 19.16
N LEU A 223 1.10 13.89 19.38
CA LEU A 223 1.39 13.10 20.57
C LEU A 223 2.61 12.23 20.32
N THR A 224 3.47 12.12 21.32
CA THR A 224 4.59 11.19 21.27
C THR A 224 4.38 10.10 22.30
N ILE A 225 4.46 8.85 21.87
CA ILE A 225 4.34 7.71 22.77
C ILE A 225 5.46 6.72 22.47
N ASP A 226 5.74 5.86 23.45
CA ASP A 226 6.83 4.90 23.38
C ASP A 226 6.24 3.51 23.19
N ALA A 227 6.64 2.85 22.09
CA ALA A 227 6.09 1.54 21.80
C ALA A 227 6.48 0.52 22.87
N SER A 228 7.72 0.62 23.39
CA SER A 228 8.21 -0.33 24.37
C SER A 228 7.49 -0.21 25.71
N THR A 229 6.53 0.71 25.85
CA THR A 229 5.71 0.80 27.04
C THR A 229 4.35 0.12 26.86
N GLY A 230 4.18 -0.63 25.77
CA GLY A 230 2.98 -1.44 25.61
C GLY A 230 1.73 -0.63 25.79
N GLN A 231 0.79 -1.18 26.57
CA GLN A 231 -0.52 -0.55 26.70
C GLN A 231 -0.46 0.79 27.41
N ASN A 232 0.64 1.10 28.10
CA ASN A 232 0.78 2.46 28.63
C ASN A 232 0.68 3.46 27.50
N ALA A 233 1.36 3.19 26.39
CA ALA A 233 1.27 4.06 25.22
C ALA A 233 -0.18 4.25 24.80
N VAL A 234 -1.00 3.21 24.93
CA VAL A 234 -2.42 3.35 24.62
C VAL A 234 -3.07 4.31 25.61
N SER A 235 -2.89 4.06 26.91
CA SER A 235 -3.53 4.89 27.92
C SER A 235 -3.19 6.36 27.70
N GLN A 236 -1.90 6.67 27.63
CA GLN A 236 -1.47 8.04 27.36
C GLN A 236 -2.23 8.62 26.17
N ALA A 237 -2.29 7.88 25.06
CA ALA A 237 -3.01 8.37 23.90
C ALA A 237 -4.44 8.72 24.27
N LYS A 238 -5.15 7.77 24.89
CA LYS A 238 -6.52 8.02 25.32
C LYS A 238 -6.56 9.26 26.21
N LEU A 239 -5.60 9.37 27.12
CA LEU A 239 -5.53 10.53 27.99
C LEU A 239 -5.50 11.82 27.17
N PHE A 240 -4.56 11.92 26.23
CA PHE A 240 -4.36 13.19 25.54
C PHE A 240 -5.43 13.45 24.48
N HIS A 241 -5.89 12.43 23.76
CA HIS A 241 -6.84 12.67 22.69
C HIS A 241 -8.12 13.29 23.21
N GLU A 242 -8.65 12.75 24.31
CA GLU A 242 -9.85 13.31 24.92
C GLU A 242 -9.65 14.74 25.38
N ALA A 243 -8.40 15.15 25.64
CA ALA A 243 -8.13 16.38 26.37
C ALA A 243 -7.81 17.57 25.48
N VAL A 244 -7.13 17.37 24.35
CA VAL A 244 -6.67 18.50 23.54
C VAL A 244 -7.13 18.34 22.10
N GLY A 245 -7.28 17.09 21.66
CA GLY A 245 -7.65 16.82 20.29
C GLY A 245 -6.43 16.70 19.40
N LEU A 246 -5.91 15.48 19.29
CA LEU A 246 -4.70 15.23 18.54
C LEU A 246 -4.97 15.21 17.05
N THR A 247 -3.93 15.52 16.28
CA THR A 247 -3.96 15.39 14.84
C THR A 247 -2.85 14.49 14.30
N GLY A 248 -1.87 14.13 15.12
CA GLY A 248 -0.81 13.25 14.69
C GLY A 248 -0.23 12.50 15.87
N ILE A 249 0.38 11.34 15.57
CA ILE A 249 1.01 10.50 16.58
C ILE A 249 2.38 10.06 16.06
N THR A 250 3.38 10.16 16.93
CA THR A 250 4.70 9.60 16.70
C THR A 250 4.93 8.48 17.72
N LEU A 251 5.32 7.32 17.21
CA LEU A 251 5.55 6.12 18.02
C LEU A 251 7.04 5.81 17.99
N THR A 252 7.70 5.97 19.14
CA THR A 252 9.15 5.82 19.23
C THR A 252 9.51 4.42 19.72
N LYS A 253 10.78 4.07 19.50
CA LYS A 253 11.37 2.86 20.08
C LYS A 253 10.70 1.59 19.56
N LEU A 254 10.32 1.56 18.29
CA LEU A 254 9.81 0.34 17.71
C LEU A 254 10.88 -0.73 17.56
N ASP A 255 12.14 -0.32 17.49
CA ASP A 255 13.24 -1.27 17.48
C ASP A 255 13.55 -1.73 18.90
N GLY A 256 14.05 -2.95 19.02
CA GLY A 256 14.44 -3.44 20.32
C GLY A 256 13.30 -3.78 21.24
N THR A 257 12.09 -3.99 20.71
CA THR A 257 10.94 -4.33 21.54
C THR A 257 10.08 -5.37 20.82
N ALA A 258 9.48 -6.24 21.63
CA ALA A 258 8.50 -7.20 21.15
C ALA A 258 7.06 -6.70 21.24
N LYS A 259 6.85 -5.53 21.85
CA LYS A 259 5.53 -4.94 22.01
C LYS A 259 5.14 -4.04 20.84
N GLY A 260 5.65 -4.30 19.63
CA GLY A 260 5.37 -3.42 18.52
C GLY A 260 3.88 -3.37 18.16
N GLY A 261 3.16 -4.46 18.41
CA GLY A 261 1.76 -4.53 18.06
C GLY A 261 0.92 -3.40 18.63
N VAL A 262 1.46 -2.66 19.60
CA VAL A 262 0.72 -1.53 20.15
C VAL A 262 0.32 -0.57 19.05
N ILE A 263 1.14 -0.46 17.99
CA ILE A 263 0.80 0.44 16.90
C ILE A 263 -0.60 0.13 16.39
N PHE A 264 -0.89 -1.15 16.18
CA PHE A 264 -2.18 -1.55 15.62
C PHE A 264 -3.32 -1.17 16.56
N SER A 265 -3.08 -1.20 17.87
CA SER A 265 -4.08 -0.71 18.80
C SER A 265 -4.28 0.79 18.64
N VAL A 266 -3.17 1.54 18.65
CA VAL A 266 -3.27 3.00 18.57
C VAL A 266 -4.02 3.41 17.31
N ALA A 267 -3.71 2.76 16.18
CA ALA A 267 -4.38 3.10 14.93
C ALA A 267 -5.86 2.73 14.99
N ASP A 268 -6.21 1.64 15.67
CA ASP A 268 -7.58 1.14 15.62
C ASP A 268 -8.48 1.85 16.62
N GLN A 269 -7.98 2.09 17.83
CA GLN A 269 -8.82 2.64 18.90
C GLN A 269 -9.11 4.12 18.72
N PHE A 270 -8.25 4.85 18.01
CA PHE A 270 -8.36 6.31 17.91
C PHE A 270 -8.48 6.82 16.48
N GLY A 271 -7.83 6.18 15.52
CA GLY A 271 -7.91 6.64 14.15
C GLY A 271 -7.17 7.93 13.87
N ILE A 272 -6.23 8.31 14.72
CA ILE A 272 -5.43 9.51 14.53
C ILE A 272 -4.27 9.16 13.61
N PRO A 273 -3.94 9.98 12.61
CA PRO A 273 -2.82 9.64 11.73
C PRO A 273 -1.54 9.42 12.53
N ILE A 274 -0.86 8.32 12.23
CA ILE A 274 0.48 8.06 12.75
C ILE A 274 1.46 8.73 11.78
N ARG A 275 2.12 9.79 12.24
CA ARG A 275 2.97 10.58 11.36
C ARG A 275 4.36 10.00 11.21
N TYR A 276 4.94 9.51 12.31
CA TYR A 276 6.32 9.02 12.29
C TYR A 276 6.44 7.80 13.20
N ILE A 277 7.41 6.95 12.87
CA ILE A 277 7.79 5.83 13.73
C ILE A 277 9.29 5.86 13.94
N GLY A 278 9.72 5.65 15.18
CA GLY A 278 11.13 5.63 15.52
C GLY A 278 11.70 4.24 15.59
N VAL A 279 12.58 3.90 14.64
CA VAL A 279 13.10 2.55 14.50
C VAL A 279 14.62 2.50 14.67
N GLY A 280 15.20 3.48 15.33
CA GLY A 280 16.64 3.49 15.53
C GLY A 280 17.11 4.78 16.15
N GLU A 281 18.42 4.83 16.39
CA GLU A 281 19.04 5.97 17.06
C GLU A 281 19.40 7.11 16.12
N ARG A 282 19.38 6.89 14.80
CA ARG A 282 19.82 7.92 13.86
C ARG A 282 18.69 8.91 13.61
N ILE A 283 19.07 10.05 13.03
CA ILE A 283 18.10 11.08 12.67
C ILE A 283 17.13 10.55 11.62
N GLU A 284 17.65 9.83 10.63
CA GLU A 284 16.80 9.23 9.61
C GLU A 284 15.97 8.08 10.14
N ASP A 285 16.28 7.54 11.32
CA ASP A 285 15.52 6.44 11.89
C ASP A 285 14.14 6.87 12.39
N LEU A 286 13.90 8.18 12.53
CA LEU A 286 12.54 8.67 12.74
C LEU A 286 11.91 8.81 11.36
N ARG A 287 11.17 7.80 10.94
CA ARG A 287 10.71 7.76 9.57
C ARG A 287 9.27 8.26 9.46
N PRO A 288 8.93 8.96 8.38
CA PRO A 288 7.51 9.21 8.11
C PRO A 288 6.79 7.89 7.94
N PHE A 289 5.65 7.74 8.61
CA PHE A 289 4.97 6.45 8.64
C PHE A 289 4.37 6.14 7.28
N LYS A 290 4.80 5.03 6.69
CA LYS A 290 4.21 4.47 5.48
C LYS A 290 3.62 3.11 5.85
N ALA A 291 2.29 3.03 5.87
CA ALA A 291 1.64 1.80 6.33
C ALA A 291 2.03 0.61 5.48
N ASP A 292 2.13 0.82 4.16
CA ASP A 292 2.43 -0.29 3.26
C ASP A 292 3.84 -0.82 3.48
N ASP A 293 4.79 0.09 3.57
CA ASP A 293 6.16 -0.32 3.80
C ASP A 293 6.21 -1.06 5.13
N PHE A 294 5.57 -0.49 6.16
CA PHE A 294 5.62 -1.10 7.51
C PHE A 294 5.04 -2.55 7.45
N ILE A 295 3.91 -2.69 6.81
CA ILE A 295 3.28 -4.01 6.70
C ILE A 295 4.20 -4.98 5.98
N GLU A 296 4.77 -4.54 4.85
CA GLU A 296 5.62 -5.43 4.07
C GLU A 296 6.84 -5.86 4.86
N ALA A 297 7.45 -4.94 5.61
CA ALA A 297 8.60 -5.31 6.42
C ALA A 297 8.22 -6.22 7.58
N LEU A 298 7.00 -6.07 8.11
CA LEU A 298 6.56 -6.91 9.22
C LEU A 298 6.26 -8.32 8.72
N PHE A 299 5.52 -8.42 7.61
CA PHE A 299 5.17 -9.70 7.03
C PHE A 299 6.26 -10.12 6.03
N ALA A 300 6.04 -11.24 5.37
CA ALA A 300 6.98 -11.74 4.37
C ALA A 300 8.38 -11.88 4.95
N GLY B 1 -1.46 8.01 2.05
CA GLY B 1 -1.34 6.56 2.05
C GLY B 1 -0.88 6.01 0.71
N PHE B 2 -0.93 4.69 0.58
CA PHE B 2 -0.53 4.00 -0.66
C PHE B 2 0.75 4.58 -1.23
N ALA B 3 1.75 4.81 -0.37
CA ALA B 3 3.01 5.41 -0.81
C ALA B 3 3.66 4.57 -1.92
N ARG B 4 3.77 3.26 -1.70
CA ARG B 4 4.41 2.40 -2.71
C ARG B 4 3.64 2.41 -4.02
N LEU B 5 2.31 2.30 -3.95
CA LEU B 5 1.50 2.32 -5.17
C LEU B 5 1.64 3.65 -5.89
N LYS B 6 1.54 4.75 -5.15
CA LYS B 6 1.76 6.07 -5.73
C LYS B 6 3.11 6.12 -6.43
N ARG B 7 4.16 5.60 -5.78
CA ARG B 7 5.48 5.60 -6.39
C ARG B 7 5.48 4.84 -7.71
N SER B 8 4.76 3.72 -7.77
CA SER B 8 4.68 2.98 -9.02
C SER B 8 3.99 3.80 -10.11
N LEU B 9 2.99 4.60 -9.73
CA LEU B 9 2.16 5.33 -10.68
C LEU B 9 2.58 6.77 -10.90
N LEU B 10 3.75 7.18 -10.42
CA LEU B 10 4.13 8.59 -10.53
C LEU B 10 4.05 9.07 -11.97
N LYS B 11 4.76 8.37 -12.87
CA LYS B 11 4.75 8.76 -14.28
C LYS B 11 3.34 8.66 -14.86
N THR B 12 2.54 7.72 -14.35
CA THR B 12 1.14 7.65 -14.75
C THR B 12 0.34 8.77 -14.10
N LYS B 13 0.73 9.20 -12.90
CA LYS B 13 0.08 10.33 -12.26
C LYS B 13 0.44 11.66 -12.91
N GLU B 14 1.40 11.67 -13.82
CA GLU B 14 1.68 12.89 -14.58
C GLU B 14 0.45 13.36 -15.35
N ASN B 15 -0.30 12.43 -15.94
CA ASN B 15 -1.41 12.76 -16.82
C ASN B 15 -2.77 12.42 -16.25
N LEU B 16 -2.88 11.40 -15.41
CA LEU B 16 -4.15 10.95 -14.88
C LEU B 16 -4.22 11.20 -13.38
N GLY B 17 -5.44 11.14 -12.85
CA GLY B 17 -5.64 11.34 -11.43
C GLY B 17 -5.24 12.74 -11.01
N SER B 18 -4.28 12.83 -10.09
CA SER B 18 -3.81 14.12 -9.62
C SER B 18 -3.27 14.98 -10.76
N GLY B 19 -2.83 14.35 -11.86
CA GLY B 19 -2.39 15.13 -13.01
C GLY B 19 -3.45 16.01 -13.60
N PHE B 20 -4.72 15.74 -13.30
CA PHE B 20 -5.80 16.61 -13.75
C PHE B 20 -5.86 17.92 -12.98
N ILE B 21 -5.32 17.95 -11.75
CA ILE B 21 -5.49 19.12 -10.89
C ILE B 21 -4.96 20.37 -11.60
N SER B 22 -3.68 20.34 -11.98
CA SER B 22 -3.09 21.50 -12.66
C SER B 22 -3.86 21.86 -13.92
N LEU B 23 -4.55 20.90 -14.54
CA LEU B 23 -5.31 21.17 -15.75
C LEU B 23 -6.63 21.89 -15.46
N PHE B 24 -7.20 21.70 -14.27
CA PHE B 24 -8.51 22.26 -13.97
C PHE B 24 -8.49 23.55 -13.16
N ARG B 25 -7.38 23.87 -12.48
CA ARG B 25 -7.38 25.04 -11.61
C ARG B 25 -7.59 26.32 -12.40
N GLY B 26 -8.55 27.12 -11.95
CA GLY B 26 -8.81 28.41 -12.58
C GLY B 26 -9.16 28.32 -14.04
N LYS B 27 -10.01 27.37 -14.42
CA LYS B 27 -10.46 27.22 -15.80
C LYS B 27 -11.98 27.27 -15.82
N LYS B 28 -12.52 27.62 -16.98
CA LYS B 28 -13.96 27.58 -17.23
C LYS B 28 -14.29 26.34 -18.04
N ILE B 29 -15.41 25.69 -17.69
CA ILE B 29 -15.84 24.48 -18.37
C ILE B 29 -16.38 24.85 -19.75
N ASP B 30 -15.57 24.66 -20.77
CA ASP B 30 -15.95 24.95 -22.15
C ASP B 30 -15.25 23.95 -23.06
N ASP B 31 -15.45 24.11 -24.37
CA ASP B 31 -14.90 23.15 -25.32
C ASP B 31 -13.38 23.12 -25.27
N ASP B 32 -12.74 24.27 -25.01
CA ASP B 32 -11.28 24.27 -24.85
C ASP B 32 -10.86 23.29 -23.77
N LEU B 33 -11.54 23.33 -22.62
CA LEU B 33 -11.17 22.48 -21.50
C LEU B 33 -11.36 21.00 -21.83
N PHE B 34 -12.51 20.65 -22.41
CA PHE B 34 -12.75 19.25 -22.78
C PHE B 34 -11.77 18.78 -23.84
N GLU B 35 -11.33 19.68 -24.72
CA GLU B 35 -10.31 19.32 -25.70
CA GLU B 35 -10.31 19.32 -25.70
C GLU B 35 -8.99 18.99 -25.00
N GLU B 36 -8.53 19.88 -24.13
CA GLU B 36 -7.30 19.61 -23.39
C GLU B 36 -7.40 18.32 -22.61
N LEU B 37 -8.57 18.05 -22.04
CA LEU B 37 -8.75 16.82 -21.26
C LEU B 37 -8.70 15.59 -22.15
N GLU B 38 -9.39 15.63 -23.28
CA GLU B 38 -9.32 14.55 -24.26
C GLU B 38 -7.86 14.27 -24.62
N GLU B 39 -7.11 15.33 -24.90
CA GLU B 39 -5.72 15.18 -25.29
C GLU B 39 -4.91 14.52 -24.16
N GLN B 40 -5.09 14.98 -22.92
CA GLN B 40 -4.33 14.40 -21.82
C GLN B 40 -4.71 12.94 -21.60
N LEU B 41 -5.98 12.59 -21.80
CA LEU B 41 -6.39 11.19 -21.68
C LEU B 41 -5.75 10.34 -22.76
N LEU B 42 -5.74 10.83 -24.00
CA LEU B 42 -5.12 10.08 -25.08
C LEU B 42 -3.62 9.90 -24.86
N ILE B 43 -2.95 10.94 -24.36
CA ILE B 43 -1.51 10.85 -24.09
C ILE B 43 -1.23 9.74 -23.10
N ALA B 44 -2.14 9.53 -22.15
CA ALA B 44 -1.98 8.49 -21.14
C ALA B 44 -2.33 7.11 -21.68
N ASP B 45 -2.59 6.99 -22.98
CA ASP B 45 -2.92 5.70 -23.61
C ASP B 45 -4.27 5.16 -23.11
N VAL B 46 -5.21 6.06 -22.82
CA VAL B 46 -6.55 5.61 -22.43
C VAL B 46 -7.32 5.07 -23.63
N GLY B 47 -6.93 5.43 -24.84
CA GLY B 47 -7.58 4.92 -26.02
C GLY B 47 -8.60 5.89 -26.58
N VAL B 48 -8.81 5.82 -27.89
CA VAL B 48 -9.70 6.75 -28.56
C VAL B 48 -11.14 6.55 -28.10
N GLU B 49 -11.62 5.31 -28.15
CA GLU B 49 -13.02 5.04 -27.83
C GLU B 49 -13.31 5.24 -26.34
N THR B 50 -12.42 4.75 -25.47
CA THR B 50 -12.63 4.93 -24.04
C THR B 50 -12.60 6.41 -23.67
N THR B 51 -11.62 7.15 -24.21
CA THR B 51 -11.56 8.59 -23.99
C THR B 51 -12.84 9.26 -24.49
N ARG B 52 -13.34 8.83 -25.64
CA ARG B 52 -14.59 9.37 -26.17
C ARG B 52 -15.73 9.16 -25.17
N LYS B 53 -15.82 7.95 -24.61
CA LYS B 53 -16.86 7.66 -23.63
C LYS B 53 -16.74 8.57 -22.42
N ILE B 54 -15.53 8.68 -21.86
CA ILE B 54 -15.32 9.50 -20.66
C ILE B 54 -15.69 10.95 -20.94
N ILE B 55 -15.15 11.51 -22.04
CA ILE B 55 -15.41 12.91 -22.37
C ILE B 55 -16.89 13.14 -22.58
N THR B 56 -17.57 12.20 -23.24
CA THR B 56 -18.99 12.35 -23.51
C THR B 56 -19.79 12.38 -22.20
N ASN B 57 -19.59 11.38 -21.35
CA ASN B 57 -20.32 11.33 -20.09
C ASN B 57 -20.05 12.58 -19.25
N LEU B 58 -18.77 12.96 -19.15
CA LEU B 58 -18.41 14.13 -18.37
C LEU B 58 -19.11 15.38 -18.90
N THR B 59 -19.09 15.57 -20.22
CA THR B 59 -19.73 16.74 -20.81
C THR B 59 -21.22 16.76 -20.52
N GLU B 60 -21.91 15.63 -20.74
CA GLU B 60 -23.35 15.62 -20.57
C GLU B 60 -23.76 15.87 -19.13
N GLY B 61 -23.10 15.21 -18.17
CA GLY B 61 -23.43 15.46 -16.77
C GLY B 61 -23.08 16.86 -16.31
N ALA B 62 -21.91 17.35 -16.72
CA ALA B 62 -21.51 18.71 -16.38
C ALA B 62 -22.52 19.73 -16.88
N SER B 63 -22.84 19.67 -18.18
CA SER B 63 -23.80 20.61 -18.75
C SER B 63 -25.15 20.47 -18.07
N ARG B 64 -25.56 19.24 -17.72
CA ARG B 64 -26.85 19.06 -17.07
C ARG B 64 -26.90 19.78 -15.72
N LYS B 65 -25.86 19.63 -14.90
CA LYS B 65 -25.79 20.38 -13.65
C LYS B 65 -25.08 21.72 -13.78
N GLN B 66 -24.70 22.11 -15.00
CA GLN B 66 -24.04 23.38 -15.27
C GLN B 66 -22.99 23.71 -14.20
N LEU B 67 -22.05 22.79 -14.02
CA LEU B 67 -20.95 23.06 -13.12
C LEU B 67 -20.22 24.31 -13.60
N ARG B 68 -19.82 25.17 -12.67
CA ARG B 68 -19.25 26.45 -13.02
C ARG B 68 -17.73 26.37 -13.19
N ASP B 69 -17.04 25.82 -12.20
CA ASP B 69 -15.59 25.77 -12.20
C ASP B 69 -15.13 24.41 -12.71
N ALA B 70 -13.97 24.40 -13.37
CA ALA B 70 -13.43 23.16 -13.92
C ALA B 70 -12.94 22.23 -12.82
N GLU B 71 -12.55 22.78 -11.67
CA GLU B 71 -12.10 21.93 -10.57
C GLU B 71 -13.17 20.90 -10.20
N ALA B 72 -14.44 21.30 -10.27
CA ALA B 72 -15.52 20.40 -9.90
C ALA B 72 -15.62 19.18 -10.82
N LEU B 73 -14.97 19.22 -11.99
CA LEU B 73 -14.95 18.03 -12.84
C LEU B 73 -14.09 16.94 -12.24
N TYR B 74 -13.04 17.32 -11.49
CA TYR B 74 -12.11 16.34 -10.96
C TYR B 74 -12.86 15.17 -10.32
N GLY B 75 -13.70 15.47 -9.33
CA GLY B 75 -14.45 14.43 -8.65
C GLY B 75 -15.22 13.57 -9.64
N LEU B 76 -15.95 14.21 -10.55
CA LEU B 76 -16.72 13.46 -11.54
C LEU B 76 -15.82 12.48 -12.28
N LEU B 77 -14.66 12.95 -12.73
CA LEU B 77 -13.73 12.05 -13.39
C LEU B 77 -13.39 10.87 -12.49
N LYS B 78 -13.01 11.16 -11.25
CA LYS B 78 -12.66 10.09 -10.31
C LYS B 78 -13.77 9.06 -10.25
N GLU B 79 -15.03 9.49 -10.34
CA GLU B 79 -16.13 8.54 -10.37
C GLU B 79 -16.13 7.76 -11.67
N GLU B 80 -16.22 8.48 -12.80
CA GLU B 80 -16.32 7.82 -14.10
C GLU B 80 -15.23 6.77 -14.25
N MET B 81 -13.98 7.21 -14.25
CA MET B 81 -12.88 6.27 -14.44
C MET B 81 -12.91 5.18 -13.38
N GLY B 82 -13.23 5.54 -12.14
CA GLY B 82 -13.29 4.52 -11.11
C GLY B 82 -14.27 3.43 -11.47
N GLU B 83 -15.47 3.82 -11.92
CA GLU B 83 -16.46 2.83 -12.31
C GLU B 83 -15.86 1.83 -13.28
N ILE B 84 -15.10 2.32 -14.27
CA ILE B 84 -14.53 1.42 -15.26
C ILE B 84 -13.73 0.32 -14.57
N LEU B 85 -12.81 0.70 -13.69
CA LEU B 85 -11.98 -0.30 -13.05
C LEU B 85 -12.81 -1.18 -12.13
N ALA B 86 -13.87 -0.63 -11.55
CA ALA B 86 -14.72 -1.43 -10.67
C ALA B 86 -15.29 -2.63 -11.40
N LYS B 87 -15.49 -2.51 -12.72
CA LYS B 87 -16.08 -3.62 -13.47
C LYS B 87 -15.11 -4.75 -13.74
N VAL B 88 -13.82 -4.60 -13.37
CA VAL B 88 -12.85 -5.67 -13.59
C VAL B 88 -12.13 -5.96 -12.28
N ASP B 89 -12.82 -5.78 -11.16
CA ASP B 89 -12.24 -6.01 -9.84
C ASP B 89 -12.78 -7.32 -9.25
N GLU B 90 -12.45 -8.42 -9.93
CA GLU B 90 -12.73 -9.76 -9.42
C GLU B 90 -11.43 -10.53 -9.21
N PRO B 91 -11.00 -10.75 -7.97
CA PRO B 91 -9.76 -11.49 -7.75
C PRO B 91 -9.89 -12.95 -8.17
N LEU B 92 -8.73 -13.58 -8.37
CA LEU B 92 -8.68 -14.97 -8.80
C LEU B 92 -8.82 -15.92 -7.61
N ASN B 93 -9.75 -16.87 -7.73
CA ASN B 93 -9.96 -17.90 -6.72
C ASN B 93 -9.59 -19.25 -7.33
N VAL B 94 -8.51 -19.85 -6.82
CA VAL B 94 -7.97 -21.09 -7.37
C VAL B 94 -8.27 -22.27 -6.45
N GLU B 95 -9.22 -22.14 -5.53
CA GLU B 95 -9.48 -23.17 -4.56
C GLU B 95 -10.39 -24.26 -5.11
N GLY B 96 -10.29 -25.45 -4.51
CA GLY B 96 -11.27 -26.50 -4.73
C GLY B 96 -11.18 -27.28 -6.02
N LYS B 97 -10.01 -27.32 -6.65
CA LYS B 97 -9.82 -28.09 -7.86
C LYS B 97 -8.54 -28.93 -7.75
N ALA B 98 -8.51 -30.03 -8.48
CA ALA B 98 -7.44 -31.03 -8.36
C ALA B 98 -6.98 -31.45 -9.75
N PRO B 99 -6.15 -30.63 -10.42
CA PRO B 99 -5.70 -29.29 -10.02
C PRO B 99 -6.51 -28.17 -10.65
N PHE B 100 -6.43 -26.97 -10.09
CA PHE B 100 -6.89 -25.78 -10.78
C PHE B 100 -5.89 -25.43 -11.88
N VAL B 101 -6.36 -25.37 -13.12
CA VAL B 101 -5.49 -25.24 -14.28
C VAL B 101 -5.54 -23.80 -14.77
N ILE B 102 -4.38 -23.14 -14.75
CA ILE B 102 -4.21 -21.80 -15.31
C ILE B 102 -3.42 -21.93 -16.60
N LEU B 103 -4.05 -21.59 -17.72
CA LEU B 103 -3.38 -21.51 -19.01
C LEU B 103 -2.88 -20.08 -19.18
N MET B 104 -1.55 -19.91 -19.18
CA MET B 104 -0.94 -18.60 -19.29
CA MET B 104 -0.94 -18.60 -19.29
C MET B 104 -0.66 -18.29 -20.75
N VAL B 105 -1.30 -17.23 -21.26
CA VAL B 105 -1.15 -16.83 -22.65
C VAL B 105 -0.62 -15.40 -22.71
N GLY B 106 -0.04 -15.06 -23.86
CA GLY B 106 0.56 -13.76 -24.08
C GLY B 106 1.82 -13.88 -24.90
N VAL B 107 2.35 -12.76 -25.38
CA VAL B 107 3.57 -12.79 -26.17
C VAL B 107 4.75 -12.90 -25.19
N ASN B 108 5.94 -13.08 -25.73
CA ASN B 108 7.14 -13.15 -24.90
C ASN B 108 7.67 -11.74 -24.62
N GLY B 109 8.43 -11.64 -23.53
CA GLY B 109 9.02 -10.37 -23.16
C GLY B 109 8.08 -9.39 -22.48
N VAL B 110 6.99 -9.87 -21.89
CA VAL B 110 6.03 -9.03 -21.19
C VAL B 110 5.88 -9.44 -19.72
N GLY B 111 6.76 -10.29 -19.22
CA GLY B 111 6.69 -10.75 -17.85
C GLY B 111 5.83 -11.96 -17.62
N LYS B 112 5.46 -12.69 -18.67
CA LYS B 112 4.59 -13.85 -18.51
C LYS B 112 5.22 -14.89 -17.60
N THR B 113 6.45 -15.32 -17.92
CA THR B 113 7.11 -16.33 -17.10
C THR B 113 7.39 -15.80 -15.70
N THR B 114 7.77 -14.53 -15.58
CA THR B 114 7.92 -13.92 -14.26
C THR B 114 6.63 -14.03 -13.47
N THR B 115 5.50 -13.77 -14.13
CA THR B 115 4.20 -13.91 -13.46
C THR B 115 3.97 -15.36 -13.05
N ILE B 116 4.36 -16.31 -13.89
CA ILE B 116 4.25 -17.72 -13.52
C ILE B 116 5.00 -17.98 -12.22
N GLY B 117 6.26 -17.55 -12.14
CA GLY B 117 7.03 -17.80 -10.94
C GLY B 117 6.46 -17.13 -9.70
N LYS B 118 6.07 -15.86 -9.84
CA LYS B 118 5.52 -15.15 -8.68
C LYS B 118 4.24 -15.81 -8.18
N LEU B 119 3.32 -16.14 -9.10
CA LEU B 119 2.10 -16.83 -8.71
C LEU B 119 2.41 -18.18 -8.06
N ALA B 120 3.40 -18.90 -8.60
CA ALA B 120 3.79 -20.17 -8.01
C ALA B 120 4.24 -19.98 -6.56
N ARG B 121 5.13 -19.03 -6.31
CA ARG B 121 5.59 -18.81 -4.94
C ARG B 121 4.45 -18.38 -4.03
N GLN B 122 3.54 -17.53 -4.52
CA GLN B 122 2.42 -17.12 -3.69
C GLN B 122 1.55 -18.32 -3.32
N PHE B 123 1.15 -19.11 -4.33
CA PHE B 123 0.33 -20.28 -4.07
C PHE B 123 1.00 -21.23 -3.08
N GLU B 124 2.32 -21.44 -3.22
CA GLU B 124 3.02 -22.31 -2.29
C GLU B 124 3.01 -21.73 -0.88
N GLN B 125 3.20 -20.40 -0.78
CA GLN B 125 3.15 -19.76 0.53
C GLN B 125 1.78 -19.85 1.16
N GLN B 126 0.73 -20.00 0.34
CA GLN B 126 -0.62 -20.17 0.85
C GLN B 126 -0.90 -21.60 1.28
N GLY B 127 0.09 -22.48 1.22
CA GLY B 127 -0.09 -23.86 1.64
C GLY B 127 -0.54 -24.82 0.56
N LYS B 128 -0.42 -24.44 -0.71
CA LYS B 128 -0.85 -25.27 -1.82
C LYS B 128 0.35 -25.85 -2.55
N SER B 129 0.14 -26.99 -3.18
CA SER B 129 1.16 -27.63 -4.01
C SER B 129 0.99 -27.17 -5.45
N VAL B 130 2.09 -26.78 -6.08
CA VAL B 130 2.08 -26.17 -7.39
C VAL B 130 2.86 -27.05 -8.35
N MET B 131 2.40 -27.11 -9.61
CA MET B 131 3.14 -27.74 -10.69
C MET B 131 3.10 -26.83 -11.91
N LEU B 132 4.18 -26.88 -12.69
CA LEU B 132 4.31 -26.08 -13.91
C LEU B 132 4.42 -26.98 -15.12
N ALA B 133 3.94 -26.49 -16.26
CA ALA B 133 4.06 -27.17 -17.54
C ALA B 133 4.76 -26.23 -18.52
N ALA B 134 5.92 -26.65 -19.01
CA ALA B 134 6.72 -25.85 -19.93
C ALA B 134 6.17 -26.06 -21.35
N GLY B 135 5.03 -25.42 -21.63
CA GLY B 135 4.39 -25.56 -22.91
C GLY B 135 4.99 -24.74 -24.03
N ASP B 136 5.96 -23.89 -23.73
CA ASP B 136 6.71 -23.16 -24.76
C ASP B 136 7.82 -24.08 -25.25
N THR B 137 7.42 -25.06 -26.07
CA THR B 137 8.25 -26.22 -26.34
C THR B 137 9.37 -25.98 -27.34
N PHE B 138 9.28 -24.94 -28.18
CA PHE B 138 10.26 -24.71 -29.23
C PHE B 138 11.38 -23.77 -28.79
N ARG B 139 11.31 -23.21 -27.59
CA ARG B 139 12.33 -22.33 -27.04
C ARG B 139 13.04 -23.05 -25.90
N ALA B 140 14.13 -23.74 -26.25
CA ALA B 140 14.85 -24.56 -25.29
C ALA B 140 15.38 -23.74 -24.12
N ALA B 141 15.83 -22.51 -24.39
CA ALA B 141 16.34 -21.66 -23.32
C ALA B 141 15.26 -21.37 -22.29
N ALA B 142 14.06 -21.02 -22.75
CA ALA B 142 12.96 -20.74 -21.85
C ALA B 142 12.62 -21.96 -21.00
N VAL B 143 12.49 -23.12 -21.65
CA VAL B 143 12.13 -24.34 -20.93
C VAL B 143 13.18 -24.67 -19.87
N GLU B 144 14.46 -24.69 -20.26
CA GLU B 144 15.51 -25.01 -19.30
C GLU B 144 15.53 -24.01 -18.15
N GLN B 145 15.28 -22.73 -18.45
CA GLN B 145 15.22 -21.73 -17.39
C GLN B 145 14.10 -22.07 -16.42
N LEU B 146 12.91 -22.41 -16.95
CA LEU B 146 11.79 -22.79 -16.09
C LEU B 146 12.14 -24.00 -15.23
N GLN B 147 12.84 -24.97 -15.81
CA GLN B 147 13.21 -26.17 -15.06
C GLN B 147 14.20 -25.85 -13.96
N VAL B 148 15.21 -25.04 -14.25
CA VAL B 148 16.18 -24.65 -13.23
C VAL B 148 15.48 -23.88 -12.11
N TRP B 149 14.50 -23.06 -12.47
CA TRP B 149 13.73 -22.35 -11.45
C TRP B 149 12.97 -23.34 -10.57
N GLY B 150 12.29 -24.30 -11.20
CA GLY B 150 11.58 -25.30 -10.42
C GLY B 150 12.50 -26.08 -9.50
N GLN B 151 13.70 -26.42 -9.97
CA GLN B 151 14.65 -27.16 -9.15
C GLN B 151 15.15 -26.33 -7.97
N ARG B 152 15.36 -25.04 -8.19
CA ARG B 152 15.77 -24.17 -7.09
C ARG B 152 14.65 -23.90 -6.10
N ASN B 153 13.40 -23.91 -6.56
CA ASN B 153 12.26 -23.60 -5.70
C ASN B 153 11.45 -24.84 -5.32
N ASN B 154 11.94 -26.04 -5.65
CA ASN B 154 11.28 -27.29 -5.27
C ASN B 154 9.84 -27.31 -5.74
N ILE B 155 9.64 -27.00 -7.01
CA ILE B 155 8.32 -27.08 -7.64
C ILE B 155 8.47 -27.91 -8.92
N PRO B 156 7.65 -28.95 -9.12
CA PRO B 156 7.85 -29.80 -10.29
C PRO B 156 7.48 -29.08 -11.59
N VAL B 157 8.27 -29.33 -12.62
CA VAL B 157 8.10 -28.72 -13.93
C VAL B 157 8.06 -29.82 -14.97
N ILE B 158 6.93 -29.93 -15.67
CA ILE B 158 6.75 -30.93 -16.73
C ILE B 158 7.23 -30.34 -18.04
N ALA B 159 8.11 -31.07 -18.73
CA ALA B 159 8.67 -30.61 -19.99
C ALA B 159 8.94 -31.81 -20.89
N GLN B 160 9.09 -31.54 -22.17
CA GLN B 160 9.47 -32.54 -23.16
C GLN B 160 10.56 -31.98 -24.05
N HIS B 161 11.02 -32.80 -24.99
CA HIS B 161 12.10 -32.41 -25.88
C HIS B 161 11.77 -31.13 -26.64
N THR B 162 12.82 -30.41 -27.03
CA THR B 162 12.64 -29.22 -27.85
C THR B 162 11.86 -29.57 -29.12
N GLY B 163 10.78 -28.85 -29.35
CA GLY B 163 9.93 -29.09 -30.50
C GLY B 163 8.78 -30.04 -30.22
N ALA B 164 8.60 -30.48 -28.98
CA ALA B 164 7.47 -31.34 -28.67
C ALA B 164 6.16 -30.60 -28.92
N ASP B 165 5.07 -31.37 -28.98
CA ASP B 165 3.75 -30.80 -29.15
C ASP B 165 3.28 -30.25 -27.81
N SER B 166 3.04 -28.94 -27.76
CA SER B 166 2.65 -28.29 -26.51
C SER B 166 1.44 -28.98 -25.88
N ALA B 167 0.43 -29.30 -26.69
CA ALA B 167 -0.76 -29.95 -26.16
C ALA B 167 -0.42 -31.27 -25.49
N SER B 168 0.57 -31.99 -26.01
CA SER B 168 0.99 -33.24 -25.38
C SER B 168 1.67 -32.97 -24.05
N VAL B 169 2.57 -31.99 -24.00
CA VAL B 169 3.24 -31.63 -22.76
C VAL B 169 2.22 -31.28 -21.68
N ILE B 170 1.23 -30.47 -22.04
CA ILE B 170 0.24 -30.02 -21.06
C ILE B 170 -0.68 -31.17 -20.67
N PHE B 171 -1.00 -32.05 -21.62
CA PHE B 171 -1.75 -33.26 -21.30
C PHE B 171 -1.03 -34.07 -20.22
N ASP B 172 0.24 -34.42 -20.49
CA ASP B 172 1.04 -35.15 -19.52
C ASP B 172 1.13 -34.40 -18.20
N ALA B 173 1.17 -33.07 -18.26
CA ALA B 173 1.29 -32.27 -17.04
C ALA B 173 0.02 -32.37 -16.21
N ILE B 174 -1.15 -32.40 -16.86
CA ILE B 174 -2.39 -32.59 -16.13
C ILE B 174 -2.43 -33.98 -15.52
N GLN B 175 -2.06 -35.00 -16.28
CA GLN B 175 -2.02 -36.35 -15.73
C GLN B 175 -1.15 -36.41 -14.48
N ALA B 176 0.08 -35.90 -14.58
CA ALA B 176 1.00 -35.95 -13.44
C ALA B 176 0.48 -35.11 -12.29
N ALA B 177 -0.21 -34.00 -12.58
CA ALA B 177 -0.73 -33.15 -11.51
C ALA B 177 -1.86 -33.84 -10.76
N LYS B 178 -2.77 -34.50 -11.48
CA LYS B 178 -3.82 -35.27 -10.83
C LYS B 178 -3.24 -36.43 -10.04
N ALA B 179 -2.18 -37.06 -10.56
CA ALA B 179 -1.61 -38.21 -9.87
C ALA B 179 -0.90 -37.81 -8.58
N ARG B 180 -0.39 -36.58 -8.50
CA ARG B 180 0.40 -36.13 -7.37
C ARG B 180 -0.35 -35.17 -6.45
N ASN B 181 -1.68 -35.09 -6.59
CA ASN B 181 -2.51 -34.27 -5.69
C ASN B 181 -2.14 -32.79 -5.77
N ILE B 182 -1.79 -32.34 -6.97
CA ILE B 182 -1.41 -30.94 -7.15
C ILE B 182 -2.65 -30.07 -7.07
N ASP B 183 -2.54 -28.94 -6.38
CA ASP B 183 -3.66 -28.02 -6.24
C ASP B 183 -3.76 -27.09 -7.44
N VAL B 184 -2.63 -26.59 -7.93
CA VAL B 184 -2.61 -25.63 -9.02
C VAL B 184 -1.58 -26.08 -10.05
N LEU B 185 -2.01 -26.14 -11.30
CA LEU B 185 -1.13 -26.40 -12.45
C LEU B 185 -1.11 -25.16 -13.30
N ILE B 186 0.07 -24.58 -13.50
CA ILE B 186 0.26 -23.39 -14.33
C ILE B 186 0.98 -23.83 -15.59
N ALA B 187 0.34 -23.63 -16.74
CA ALA B 187 0.86 -24.07 -18.02
C ALA B 187 1.30 -22.86 -18.83
N ASP B 188 2.60 -22.79 -19.11
CA ASP B 188 3.15 -21.80 -20.03
C ASP B 188 2.86 -22.21 -21.47
N THR B 189 2.87 -21.22 -22.36
CA THR B 189 2.59 -21.47 -23.77
C THR B 189 3.52 -20.60 -24.61
N ALA B 190 3.52 -20.87 -25.92
CA ALA B 190 4.37 -20.14 -26.84
C ALA B 190 3.91 -18.69 -26.94
N GLY B 191 4.87 -17.77 -26.97
CA GLY B 191 4.57 -16.36 -27.03
C GLY B 191 5.08 -15.72 -28.31
N ARG B 192 5.30 -16.52 -29.34
CA ARG B 192 5.67 -15.96 -30.63
C ARG B 192 4.48 -15.24 -31.25
N LEU B 193 4.76 -14.09 -31.85
CA LEU B 193 3.70 -13.35 -32.50
C LEU B 193 3.61 -13.68 -33.97
N GLN B 194 4.74 -13.89 -34.64
CA GLN B 194 4.72 -14.25 -36.04
C GLN B 194 3.82 -15.45 -36.27
N ASN B 195 3.05 -15.39 -37.36
CA ASN B 195 2.00 -16.36 -37.65
C ASN B 195 0.93 -16.32 -36.55
N LYS B 196 0.07 -15.30 -36.62
CA LYS B 196 -1.04 -15.19 -35.68
C LYS B 196 -1.93 -16.43 -35.73
N SER B 197 -2.35 -16.82 -36.93
CA SER B 197 -3.30 -17.92 -37.07
C SER B 197 -2.76 -19.19 -36.43
N HIS B 198 -1.51 -19.54 -36.75
CA HIS B 198 -0.93 -20.77 -36.24
C HIS B 198 -0.93 -20.79 -34.71
N LEU B 199 -0.47 -19.71 -34.08
CA LEU B 199 -0.46 -19.69 -32.62
C LEU B 199 -1.88 -19.88 -32.09
N MET B 200 -2.86 -19.22 -32.71
CA MET B 200 -4.23 -19.37 -32.25
C MET B 200 -4.68 -20.83 -32.34
N GLU B 201 -4.53 -21.45 -33.51
CA GLU B 201 -4.85 -22.86 -33.65
C GLU B 201 -4.14 -23.72 -32.61
N GLU B 202 -2.89 -23.38 -32.29
CA GLU B 202 -2.15 -24.15 -31.30
C GLU B 202 -2.79 -24.03 -29.92
N LEU B 203 -3.24 -22.83 -29.56
CA LEU B 203 -3.91 -22.67 -28.27
C LEU B 203 -5.22 -23.43 -28.23
N LYS B 204 -6.01 -23.33 -29.31
CA LYS B 204 -7.26 -24.08 -29.37
C LYS B 204 -7.02 -25.58 -29.26
N LYS B 205 -5.94 -26.08 -29.88
CA LYS B 205 -5.61 -27.48 -29.73
C LYS B 205 -5.26 -27.81 -28.29
N ILE B 206 -4.47 -26.94 -27.64
CA ILE B 206 -4.13 -27.17 -26.24
C ILE B 206 -5.38 -27.30 -25.40
N VAL B 207 -6.37 -26.44 -25.64
CA VAL B 207 -7.60 -26.48 -24.86
C VAL B 207 -8.36 -27.78 -25.14
N ARG B 208 -8.58 -28.09 -26.42
CA ARG B 208 -9.34 -29.29 -26.77
C ARG B 208 -8.67 -30.54 -26.17
N VAL B 209 -7.34 -30.60 -26.20
CA VAL B 209 -6.65 -31.73 -25.59
C VAL B 209 -6.79 -31.69 -24.07
N MET B 210 -6.85 -30.50 -23.49
CA MET B 210 -7.13 -30.39 -22.06
C MET B 210 -8.46 -31.05 -21.72
N LYS B 211 -9.48 -30.84 -22.56
CA LYS B 211 -10.81 -31.34 -22.26
C LYS B 211 -10.89 -32.86 -22.27
N LYS B 212 -9.85 -33.56 -22.73
CA LYS B 212 -9.85 -35.01 -22.67
C LYS B 212 -9.68 -35.52 -21.25
N LEU B 213 -8.91 -34.81 -20.43
CA LEU B 213 -8.68 -35.22 -19.05
C LEU B 213 -9.58 -34.50 -18.05
N ASP B 214 -9.95 -33.26 -18.31
CA ASP B 214 -10.85 -32.51 -17.42
C ASP B 214 -11.58 -31.47 -18.25
N VAL B 215 -12.89 -31.63 -18.40
CA VAL B 215 -13.66 -30.71 -19.23
C VAL B 215 -13.74 -29.32 -18.62
N GLU B 216 -13.52 -29.19 -17.31
CA GLU B 216 -13.51 -27.88 -16.69
C GLU B 216 -12.21 -27.13 -16.94
N ALA B 217 -11.14 -27.83 -17.30
CA ALA B 217 -9.86 -27.20 -17.56
C ALA B 217 -9.81 -26.67 -18.99
N PRO B 218 -9.16 -25.52 -19.23
CA PRO B 218 -8.48 -24.70 -18.23
C PRO B 218 -9.47 -23.91 -17.38
N HIS B 219 -9.24 -23.91 -16.06
CA HIS B 219 -10.14 -23.18 -15.17
C HIS B 219 -9.92 -21.69 -15.26
N GLU B 220 -8.70 -21.26 -15.61
CA GLU B 220 -8.40 -19.85 -15.80
C GLU B 220 -7.58 -19.71 -17.06
N VAL B 221 -8.02 -18.83 -17.97
CA VAL B 221 -7.21 -18.43 -19.12
C VAL B 221 -6.70 -17.03 -18.79
N MET B 222 -5.43 -16.96 -18.40
CA MET B 222 -4.82 -15.72 -17.93
CA MET B 222 -4.84 -15.70 -17.94
C MET B 222 -3.94 -15.14 -19.03
N LEU B 223 -4.30 -13.97 -19.54
CA LEU B 223 -3.45 -13.22 -20.45
C LEU B 223 -2.50 -12.37 -19.62
N THR B 224 -1.24 -12.30 -20.02
CA THR B 224 -0.28 -11.40 -19.41
C THR B 224 0.10 -10.33 -20.42
N ILE B 225 -0.04 -9.07 -20.01
CA ILE B 225 0.35 -7.94 -20.86
C ILE B 225 1.18 -6.95 -20.07
N ASP B 226 1.94 -6.15 -20.80
CA ASP B 226 2.89 -5.20 -20.23
C ASP B 226 2.34 -3.79 -20.44
N ALA B 227 2.17 -3.05 -19.34
CA ALA B 227 1.62 -1.71 -19.44
C ALA B 227 2.52 -0.78 -20.25
N SER B 228 3.85 -0.95 -20.11
CA SER B 228 4.79 -0.08 -20.81
C SER B 228 4.77 -0.26 -22.31
N THR B 229 3.93 -1.15 -22.84
CA THR B 229 3.75 -1.29 -24.28
C THR B 229 2.51 -0.55 -24.78
N GLY B 230 1.91 0.28 -23.92
CA GLY B 230 0.84 1.15 -24.35
C GLY B 230 -0.25 0.40 -25.09
N GLN B 231 -0.69 0.98 -26.21
CA GLN B 231 -1.83 0.45 -26.94
C GLN B 231 -1.54 -0.93 -27.52
N ASN B 232 -0.27 -1.34 -27.62
CA ASN B 232 0.00 -2.72 -28.03
C ASN B 232 -0.67 -3.69 -27.08
N ALA B 233 -0.61 -3.41 -25.78
CA ALA B 233 -1.29 -4.26 -24.81
C ALA B 233 -2.75 -4.47 -25.18
N VAL B 234 -3.40 -3.43 -25.73
CA VAL B 234 -4.78 -3.58 -26.15
C VAL B 234 -4.89 -4.58 -27.30
N SER B 235 -4.10 -4.36 -28.36
CA SER B 235 -4.21 -5.23 -29.53
C SER B 235 -4.01 -6.68 -29.15
N GLN B 236 -2.90 -6.98 -28.48
CA GLN B 236 -2.65 -8.34 -28.02
C GLN B 236 -3.86 -8.89 -27.28
N ALA B 237 -4.44 -8.10 -26.38
CA ALA B 237 -5.59 -8.56 -25.63
C ALA B 237 -6.68 -9.05 -26.56
N LYS B 238 -7.06 -8.23 -27.55
CA LYS B 238 -8.06 -8.67 -28.51
C LYS B 238 -7.60 -9.92 -29.23
N LEU B 239 -6.34 -9.93 -29.69
CA LEU B 239 -5.84 -11.06 -30.46
C LEU B 239 -6.13 -12.37 -29.77
N PHE B 240 -5.72 -12.49 -28.50
CA PHE B 240 -5.89 -13.75 -27.79
C PHE B 240 -7.36 -13.97 -27.46
N HIS B 241 -8.08 -12.90 -27.14
CA HIS B 241 -9.46 -13.05 -26.71
C HIS B 241 -10.31 -13.69 -27.79
N GLU B 242 -10.12 -13.28 -29.05
CA GLU B 242 -10.88 -13.85 -30.14
C GLU B 242 -10.65 -15.36 -30.28
N ALA B 243 -9.49 -15.85 -29.83
CA ALA B 243 -9.06 -17.19 -30.20
C ALA B 243 -9.38 -18.25 -29.16
N VAL B 244 -9.31 -17.91 -27.87
CA VAL B 244 -9.46 -18.92 -26.83
C VAL B 244 -10.51 -18.48 -25.82
N GLY B 245 -10.66 -17.16 -25.64
CA GLY B 245 -11.60 -16.66 -24.67
C GLY B 245 -10.96 -16.50 -23.31
N LEU B 246 -10.45 -15.31 -23.02
CA LEU B 246 -9.73 -15.09 -21.77
C LEU B 246 -10.70 -15.00 -20.60
N THR B 247 -10.21 -15.37 -19.42
CA THR B 247 -10.95 -15.24 -18.18
C THR B 247 -10.24 -14.40 -17.13
N GLY B 248 -8.97 -14.08 -17.33
CA GLY B 248 -8.25 -13.24 -16.40
C GLY B 248 -7.12 -12.51 -17.12
N ILE B 249 -6.72 -11.39 -16.55
CA ILE B 249 -5.65 -10.56 -17.10
C ILE B 249 -4.71 -10.14 -15.99
N THR B 250 -3.42 -10.26 -16.25
CA THR B 250 -2.36 -9.70 -15.42
C THR B 250 -1.67 -8.59 -16.20
N LEU B 251 -1.58 -7.41 -15.59
CA LEU B 251 -0.95 -6.25 -16.20
C LEU B 251 0.32 -5.95 -15.42
N THR B 252 1.46 -6.19 -16.05
CA THR B 252 2.76 -6.07 -15.40
C THR B 252 3.42 -4.72 -15.70
N LYS B 253 4.52 -4.47 -14.99
CA LYS B 253 5.36 -3.32 -15.27
CA LYS B 253 5.38 -3.31 -15.24
C LYS B 253 4.59 -2.01 -15.18
N LEU B 254 3.61 -1.93 -14.28
CA LEU B 254 2.92 -0.67 -14.08
C LEU B 254 3.82 0.38 -13.46
N ASP B 255 4.88 -0.03 -12.77
CA ASP B 255 5.85 0.91 -12.25
C ASP B 255 6.85 1.34 -13.32
N GLY B 256 7.34 2.56 -13.21
CA GLY B 256 8.35 3.06 -14.10
C GLY B 256 7.88 3.35 -15.51
N THR B 257 6.58 3.52 -15.71
CA THR B 257 6.03 3.82 -17.03
C THR B 257 4.91 4.83 -16.90
N ALA B 258 4.78 5.68 -17.90
CA ALA B 258 3.69 6.64 -17.98
C ALA B 258 2.49 6.10 -18.74
N LYS B 259 2.59 4.91 -19.33
CA LYS B 259 1.51 4.30 -20.10
C LYS B 259 0.58 3.46 -19.24
N GLY B 260 0.48 3.76 -17.94
CA GLY B 260 -0.38 2.98 -17.07
C GLY B 260 -1.85 3.11 -17.44
N GLY B 261 -2.25 4.28 -17.96
CA GLY B 261 -3.64 4.51 -18.30
C GLY B 261 -4.21 3.48 -19.25
N VAL B 262 -3.36 2.69 -19.90
CA VAL B 262 -3.84 1.64 -20.79
C VAL B 262 -4.80 0.72 -20.05
N ILE B 263 -4.63 0.59 -18.73
CA ILE B 263 -5.53 -0.27 -17.96
C ILE B 263 -6.98 0.11 -18.24
N PHE B 264 -7.28 1.41 -18.23
CA PHE B 264 -8.67 1.83 -18.42
C PHE B 264 -9.19 1.41 -19.79
N SER B 265 -8.33 1.39 -20.80
CA SER B 265 -8.74 0.83 -22.09
C SER B 265 -9.00 -0.66 -21.96
N VAL B 266 -8.03 -1.39 -21.39
CA VAL B 266 -8.17 -2.84 -21.28
C VAL B 266 -9.42 -3.19 -20.49
N ALA B 267 -9.66 -2.46 -19.39
CA ALA B 267 -10.85 -2.72 -18.58
C ALA B 267 -12.12 -2.37 -19.33
N ASP B 268 -12.08 -1.32 -20.16
CA ASP B 268 -13.31 -0.82 -20.77
C ASP B 268 -13.68 -1.59 -22.03
N GLN B 269 -12.70 -1.91 -22.86
CA GLN B 269 -12.97 -2.53 -24.15
C GLN B 269 -13.35 -3.99 -24.04
N PHE B 270 -12.95 -4.67 -22.97
CA PHE B 270 -13.14 -6.11 -22.84
C PHE B 270 -13.95 -6.50 -21.62
N GLY B 271 -13.80 -5.80 -20.50
CA GLY B 271 -14.53 -6.15 -19.30
C GLY B 271 -14.08 -7.45 -18.66
N ILE B 272 -12.89 -7.92 -19.01
CA ILE B 272 -12.36 -9.17 -18.44
C ILE B 272 -11.69 -8.83 -17.11
N PRO B 273 -11.92 -9.61 -16.05
CA PRO B 273 -11.32 -9.29 -14.77
C PRO B 273 -9.81 -9.15 -14.85
N ILE B 274 -9.29 -8.06 -14.28
CA ILE B 274 -7.86 -7.90 -14.07
C ILE B 274 -7.54 -8.55 -12.74
N ARG B 275 -6.82 -9.67 -12.78
CA ARG B 275 -6.59 -10.45 -11.57
C ARG B 275 -5.42 -9.89 -10.76
N TYR B 276 -4.37 -9.47 -11.45
CA TYR B 276 -3.16 -9.00 -10.79
C TYR B 276 -2.57 -7.83 -11.55
N ILE B 277 -1.84 -7.00 -10.83
CA ILE B 277 -1.04 -5.93 -11.41
C ILE B 277 0.38 -6.07 -10.87
N GLY B 278 1.36 -5.91 -11.76
CA GLY B 278 2.75 -6.01 -11.35
C GLY B 278 3.36 -4.64 -11.15
N VAL B 279 3.64 -4.30 -9.89
CA VAL B 279 4.06 -2.95 -9.53
C VAL B 279 5.45 -2.94 -8.89
N GLY B 280 6.24 -3.98 -9.13
CA GLY B 280 7.57 -4.04 -8.54
C GLY B 280 8.24 -5.36 -8.84
N GLU B 281 9.47 -5.47 -8.34
CA GLU B 281 10.31 -6.63 -8.61
C GLU B 281 10.06 -7.78 -7.64
N ARG B 282 9.36 -7.55 -6.53
CA ARG B 282 9.17 -8.58 -5.52
C ARG B 282 8.03 -9.51 -5.91
N ILE B 283 7.99 -10.67 -5.24
CA ILE B 283 6.89 -11.61 -5.42
C ILE B 283 5.58 -10.98 -4.95
N GLU B 284 5.62 -10.27 -3.83
CA GLU B 284 4.42 -9.58 -3.34
C GLU B 284 4.04 -8.39 -4.19
N ASP B 285 4.96 -7.92 -5.05
CA ASP B 285 4.64 -6.80 -5.94
C ASP B 285 3.68 -7.21 -7.06
N LEU B 286 3.49 -8.50 -7.29
CA LEU B 286 2.38 -8.96 -8.13
C LEU B 286 1.15 -9.00 -7.23
N ARG B 287 0.40 -7.91 -7.25
CA ARG B 287 -0.67 -7.69 -6.29
C ARG B 287 -2.03 -8.01 -6.89
N PRO B 288 -2.96 -8.56 -6.13
CA PRO B 288 -4.34 -8.67 -6.62
C PRO B 288 -4.91 -7.29 -6.91
N PHE B 289 -5.57 -7.16 -8.06
CA PHE B 289 -6.06 -5.86 -8.48
C PHE B 289 -7.24 -5.43 -7.60
N LYS B 290 -7.06 -4.30 -6.93
CA LYS B 290 -8.14 -3.66 -6.16
C LYS B 290 -8.40 -2.30 -6.79
N ALA B 291 -9.57 -2.15 -7.41
CA ALA B 291 -9.85 -0.94 -8.18
C ALA B 291 -9.83 0.31 -7.30
N ASP B 292 -10.38 0.21 -6.09
CA ASP B 292 -10.49 1.41 -5.24
C ASP B 292 -9.11 1.88 -4.78
N ASP B 293 -8.25 0.96 -4.35
CA ASP B 293 -6.88 1.33 -4.00
C ASP B 293 -6.21 2.02 -5.19
N PHE B 294 -6.33 1.43 -6.37
CA PHE B 294 -5.71 1.98 -7.57
C PHE B 294 -6.18 3.41 -7.81
N ILE B 295 -7.50 3.62 -7.79
CA ILE B 295 -8.05 4.96 -8.01
C ILE B 295 -7.54 5.94 -6.96
N GLU B 296 -7.61 5.55 -5.69
CA GLU B 296 -7.22 6.47 -4.62
C GLU B 296 -5.77 6.88 -4.74
N ALA B 297 -4.89 5.93 -5.05
CA ALA B 297 -3.48 6.29 -5.24
C ALA B 297 -3.29 7.13 -6.50
N LEU B 298 -4.14 6.91 -7.51
CA LEU B 298 -4.03 7.66 -8.76
C LEU B 298 -4.51 9.09 -8.60
N PHE B 299 -5.68 9.28 -7.99
CA PHE B 299 -6.28 10.60 -7.85
C PHE B 299 -5.86 11.34 -6.57
N ALA B 300 -4.87 10.83 -5.85
CA ALA B 300 -4.41 11.51 -4.64
C ALA B 300 -3.40 12.60 -4.99
CAA GXY C . -1.48 33.55 31.75
CAC GXY C . -1.77 33.87 29.50
CAD GXY C . -0.69 34.42 28.82
CAE GXY C . -0.91 35.38 27.85
CAF GXY C . -2.22 35.79 27.57
CAG GXY C . -3.30 35.25 28.25
CAH GXY C . -3.06 34.28 29.22
CAK GXY C . -2.78 37.99 27.17
NAI GXY C . -4.04 33.71 29.92
OAB GXY C . -1.62 32.93 30.47
OAJ GXY C . -2.36 36.73 26.60
BR GXY C . 0.53 36.13 26.90
HAC GXY C . -2.38 34.11 31.90
HAA GXY C . -1.37 32.75 32.45
HAB GXY C . -0.62 34.15 31.69
HAD GXY C . 0.33 34.09 29.04
HAG GXY C . -4.31 35.57 28.03
HAM GXY C . -2.89 38.73 26.38
HAK GXY C . -2.04 38.32 27.89
HAL GXY C . -3.73 37.84 27.69
HAI GXY C . -4.99 33.98 29.76
HAN GXY C . -3.82 33.03 30.61
CAA GXY D . 17.85 14.74 17.92
CAC GXY D . 17.50 14.84 20.21
CAD GXY D . 16.99 16.00 20.78
CAE GXY D . 17.50 16.47 21.99
CAF GXY D . 18.53 15.77 22.61
CAG GXY D . 19.05 14.61 22.04
CAH GXY D . 18.53 14.15 20.84
CAK GXY D . 20.36 16.59 23.79
NAI GXY D . 18.97 13.04 20.25
OAB GXY D . 17.04 14.33 19.04
OAJ GXY D . 18.98 16.28 23.79
BR GXY D . 16.82 18.03 22.76
HAC GXY D . 17.44 14.30 17.01
HAA GXY D . 18.86 14.39 18.07
HAB GXY D . 17.83 15.82 17.85
HAD GXY D . 16.18 16.55 20.28
HAG GXY D . 19.85 14.07 22.54
HAM GXY D . 20.78 16.83 24.74
HAK GXY D . 20.81 15.61 23.59
HAL GXY D . 20.71 17.17 22.99
HAI GXY D . 18.56 12.75 19.38
HAN GXY D . 19.70 12.52 20.67
N NH4 E . 3.24 -25.26 5.40
HN1 NH4 E . 3.26 -24.28 5.45
HN2 NH4 E . 4.11 -25.63 5.64
HN3 NH4 E . 2.56 -25.60 6.02
HN4 NH4 E . 3.00 -25.54 4.49
N NH4 F . 21.35 16.67 4.39
HN1 NH4 F . 21.95 16.59 3.62
HN2 NH4 F . 21.36 15.85 4.91
HN3 NH4 F . 21.64 17.42 4.95
HN4 NH4 F . 20.44 16.84 4.07
N NH4 G . 18.35 -0.65 3.81
HN1 NH4 G . 17.40 -0.84 3.98
HN2 NH4 G . 18.91 -1.10 4.48
HN3 NH4 G . 18.51 0.31 3.85
HN4 NH4 G . 18.60 -0.98 2.92
N NH4 H . 8.39 37.91 27.51
HN1 NH4 H . 7.53 37.46 27.62
HN2 NH4 H . 9.05 37.27 27.18
HN3 NH4 H . 8.31 38.65 26.87
HN4 NH4 H . 8.69 38.26 28.37
N NH4 I . 2.07 17.45 27.03
HN1 NH4 I . 2.86 17.34 26.45
HN2 NH4 I . 1.77 16.57 27.34
HN3 NH4 I . 2.32 18.00 27.80
HN4 NH4 I . 1.35 17.90 26.53
N NH4 J . 11.06 22.70 27.35
HN1 NH4 J . 10.48 23.48 27.47
HN2 NH4 J . 11.34 22.37 28.23
HN3 NH4 J . 11.85 22.97 26.84
HN4 NH4 J . 10.58 22.00 26.87
N NH4 K . 3.14 29.95 35.27
HN1 NH4 K . 2.70 29.54 36.04
HN2 NH4 K . 2.65 30.76 34.99
HN3 NH4 K . 3.16 29.32 34.52
HN4 NH4 K . 4.06 30.20 35.51
N NH4 L . 4.86 15.10 21.02
HN1 NH4 L . 4.02 14.62 21.22
HN2 NH4 L . 4.94 15.88 21.60
HN3 NH4 L . 5.63 14.51 21.16
HN4 NH4 L . 4.84 15.39 20.08
C1 PEG M . 4.02 -16.68 3.84
O1 PEG M . 3.76 -18.00 4.23
C2 PEG M . 5.52 -16.49 3.65
O2 PEG M . 5.77 -15.17 3.25
C3 PEG M . 7.06 -14.94 2.75
C4 PEG M . 8.08 -15.01 3.89
O4 PEG M . 9.26 -14.37 3.50
H11 PEG M . 3.70 -16.07 4.55
H12 PEG M . 3.56 -16.48 3.02
HO1 PEG M . 2.98 -18.05 4.56
H21 PEG M . 5.83 -17.10 2.96
H22 PEG M . 5.98 -16.67 4.49
H31 PEG M . 7.10 -14.07 2.34
H32 PEG M . 7.27 -15.62 2.10
H41 PEG M . 8.25 -15.93 4.11
H42 PEG M . 7.71 -14.55 4.68
HO4 PEG M . 9.70 -14.15 4.18
CAA GXY N . -0.20 -34.19 -31.24
CAC GXY N . -1.66 -34.04 -29.48
CAD GXY N . -1.32 -34.69 -28.30
CAE GXY N . -2.30 -35.37 -27.58
CAF GXY N . -3.61 -35.39 -28.05
CAG GXY N . -3.95 -34.74 -29.22
CAH GXY N . -2.97 -34.06 -29.94
CAK GXY N . -4.58 -37.43 -27.75
NAI GXY N . -3.22 -33.42 -31.07
OAB GXY N . -0.76 -33.35 -30.22
OAJ GXY N . -4.50 -36.07 -27.29
BR GXY N . -1.84 -36.25 -25.97
HAC GXY N . 0.52 -33.63 -31.83
HAA GXY N . -1.00 -34.56 -31.88
HAB GXY N . 0.30 -35.04 -30.77
HAD GXY N . -0.29 -34.67 -27.93
HAG GXY N . -4.98 -34.76 -29.58
HAM GXY N . -5.30 -37.98 -27.15
HAK GXY N . -3.59 -37.90 -27.65
HAL GXY N . -4.89 -37.45 -28.79
HAI GXY N . -2.49 -32.94 -31.54
HAN GXY N . -4.15 -33.40 -31.44
CAA GXY O . 14.59 -15.76 -12.42
CAC GXY O . 12.31 -16.42 -12.51
CAD GXY O . 12.55 -17.30 -13.56
CAE GXY O . 11.47 -17.87 -14.22
CAF GXY O . 10.17 -17.56 -13.83
CAG GXY O . 9.93 -16.68 -12.79
CAH GXY O . 11.01 -16.11 -12.12
CAK GXY O . 8.69 -19.26 -13.76
NAI GXY O . 10.85 -15.27 -11.11
OAB GXY O . 13.30 -15.79 -11.79
OAJ GXY O . 9.18 -18.16 -14.53
BR GXY O . 11.72 -19.06 -15.65
HAC GXY O . 15.23 -15.25 -11.74
HAA GXY O . 14.87 -16.76 -12.58
HAB GXY O . 14.44 -15.21 -13.33
HAD GXY O . 13.57 -17.53 -13.86
HAG GXY O . 8.91 -16.45 -12.48
HAM GXY O . 8.31 -18.89 -12.81
HAK GXY O . 9.49 -19.96 -13.57
HAL GXY O . 7.88 -19.75 -14.31
HAI GXY O . 11.66 -14.87 -10.66
HAN GXY O . 9.94 -15.02 -10.80
N NH4 P . -7.97 -30.42 -13.62
HN1 NH4 P . -7.54 -31.28 -13.77
HN2 NH4 P . -8.61 -30.24 -14.33
HN3 NH4 P . -7.28 -29.71 -13.63
HN4 NH4 P . -8.41 -30.42 -12.75
N NH4 Q . 8.74 -28.46 -22.99
HN1 NH4 Q . 9.41 -28.58 -22.31
HN2 NH4 Q . 8.86 -29.11 -23.72
HN3 NH4 Q . 8.81 -27.55 -23.37
HN4 NH4 Q . 7.84 -28.57 -22.60
N NH4 R . -21.75 23.61 -19.02
HN1 NH4 R . -21.65 22.90 -18.35
HN2 NH4 R . -22.59 24.08 -18.88
HN3 NH4 R . -21.00 24.25 -18.93
HN4 NH4 R . -21.74 23.21 -19.92
N NH4 S . 9.02 -33.77 -17.15
HN1 NH4 S . 9.47 -33.72 -18.02
HN2 NH4 S . 9.28 -33.00 -16.60
HN3 NH4 S . 8.05 -33.76 -17.28
HN4 NH4 S . 9.28 -34.59 -16.69
N NH4 T . 10.26 -30.56 -7.33
HN1 NH4 T . 10.09 -30.50 -8.29
HN2 NH4 T . 11.04 -30.00 -7.10
HN3 NH4 T . 9.47 -30.25 -6.83
HN4 NH4 T . 10.45 -31.50 -7.09
N NH4 U . 9.32 -11.85 -20.16
HN1 NH4 U . 8.72 -11.67 -20.91
HN2 NH4 U . 8.80 -12.07 -19.37
HN3 NH4 U . 9.89 -12.63 -20.40
HN4 NH4 U . 9.89 -11.07 -20.00
N NH4 V . -3.55 -38.87 -13.68
HN1 NH4 V . -3.96 -38.50 -14.50
HN2 NH4 V . -4.17 -39.47 -13.24
HN3 NH4 V . -3.32 -38.13 -13.08
HN4 NH4 V . -2.74 -39.35 -13.92
N NH4 W . 0.48 -10.31 -24.23
HN1 NH4 W . 0.98 -9.58 -23.79
HN2 NH4 W . 0.90 -11.17 -23.99
HN3 NH4 W . -0.45 -10.30 -23.93
HN4 NH4 W . 0.52 -10.18 -25.20
N NH4 X . 1.90 -6.18 -23.97
HN1 NH4 X . 2.72 -6.16 -23.42
HN2 NH4 X . 2.10 -6.60 -24.84
HN3 NH4 X . 1.22 -6.71 -23.51
HN4 NH4 X . 1.58 -5.27 -24.12
#